data_5HSJ
#
_entry.id   5HSJ
#
_cell.length_a   61.869
_cell.length_b   126.830
_cell.length_c   82.877
_cell.angle_alpha   90.00
_cell.angle_beta   109.73
_cell.angle_gamma   90.00
#
_symmetry.space_group_name_H-M   'P 1 21 1'
#
loop_
_entity.id
_entity.type
_entity.pdbx_description
1 polymer 'Putative decarboxylase'
2 non-polymer "PYRIDOXAL-5'-PHOSPHATE"
3 water water
#
_entity_poly.entity_id   1
_entity_poly.type   'polypeptide(L)'
_entity_poly.pdbx_seq_one_letter_code
;MEKSNRSLKDLDLNALFIGDKAENGQLYKDLLNKLVDEHLGWRKNYIPSDPNMIGPEDQNSPAFKKTVGHMKTVLDQLSE
RIRTESVPWHSAGRYWGHMNSETLMPALLAYNYAMLWNGNNVAYESSPATSQMEEEVGQEFARLMGYDYGWGHIVADGSL
ANLEGLWYARNIKSLPFAMKEVNPELVAGKSDWELLNMPTKEIMDLLENAGSQIDEVKKRSARSGKNLQRLGKWLVPQTK
HYSWMKAADIIGIGLDQVVPVPIDSNYRMDIQALESIIRKYAAEKTPILGVVGVAGSTEEGAVDGIDKIVALRQKLQKEG
IYFYLHVDAAYGGYARALFLDEDDQFIPYKNLQKVHAENHVFTEDKEYIKPEVYAAYKAFDQAESITIDPHKMGYVPYSA
GGIVIQDIRMRDTISYFATYVFEKGADIPALLGAYILEGSKAGATAASVWAAHHTLPLNVTGYGKLEGASIEGAHRYYDF
LKNLKFEVAGKRISVHPLISPDFNMVDYVLKEDGNDDLIEMNRLNHAFYEQASYVKGSLYGKEYIVSHTDFAIPDYGDSP
LAFVESLGFSEVEWRHAGKVTIIRASVMTPYMNQRENFDYFAPRIKKAIQADLEKVYASVNQKENVLEHHHHHH
;
_entity_poly.pdbx_strand_id   A,B
#
loop_
_chem_comp.id
_chem_comp.type
_chem_comp.name
_chem_comp.formula
PLP non-polymer PYRIDOXAL-5'-PHOSPHATE 'C8 H10 N O6 P'
#
# COMPACT_ATOMS: atom_id res chain seq x y z
N SER A 7 -20.23 2.31 -30.43
CA SER A 7 -18.93 2.05 -29.70
C SER A 7 -19.03 0.82 -28.74
N LEU A 8 -18.24 -0.23 -29.03
CA LEU A 8 -18.17 -1.50 -28.25
C LEU A 8 -19.54 -2.12 -27.98
N LYS A 9 -20.52 -1.85 -28.83
CA LYS A 9 -21.92 -2.24 -28.52
C LYS A 9 -22.11 -3.74 -28.21
N ASP A 10 -21.30 -4.57 -28.87
CA ASP A 10 -21.37 -6.02 -28.76
C ASP A 10 -20.30 -6.60 -27.85
N LEU A 11 -19.61 -5.78 -27.08
CA LEU A 11 -18.63 -6.33 -26.12
C LEU A 11 -19.26 -7.49 -25.36
N ASP A 12 -18.58 -8.63 -25.29
CA ASP A 12 -19.09 -9.87 -24.62
C ASP A 12 -18.30 -10.07 -23.31
N LEU A 13 -18.96 -9.90 -22.17
CA LEU A 13 -18.24 -9.90 -20.89
C LEU A 13 -17.65 -11.27 -20.63
N ASN A 14 -18.24 -12.28 -21.28
CA ASN A 14 -17.80 -13.67 -21.04
C ASN A 14 -16.34 -13.89 -21.43
N ALA A 15 -15.86 -13.10 -22.36
CA ALA A 15 -14.53 -13.26 -22.89
C ALA A 15 -13.46 -12.59 -21.98
N LEU A 16 -13.90 -11.84 -20.96
CA LEU A 16 -12.91 -11.02 -20.19
C LEU A 16 -12.60 -11.63 -18.82
N PHE A 17 -13.06 -12.86 -18.57
CA PHE A 17 -12.82 -13.55 -17.29
C PHE A 17 -12.32 -14.95 -17.53
N ILE A 18 -11.42 -15.46 -16.67
CA ILE A 18 -11.02 -16.87 -16.68
C ILE A 18 -12.24 -17.80 -16.58
N GLY A 19 -13.15 -17.48 -15.67
CA GLY A 19 -14.41 -18.18 -15.61
C GLY A 19 -14.46 -19.01 -14.37
N ASP A 20 -15.69 -19.21 -13.87
CA ASP A 20 -15.84 -19.95 -12.57
C ASP A 20 -15.37 -21.39 -12.67
N LYS A 21 -15.42 -21.94 -13.86
CA LYS A 21 -14.95 -23.28 -14.11
C LYS A 21 -13.74 -23.25 -15.03
N ALA A 22 -13.00 -22.15 -15.02
CA ALA A 22 -11.87 -22.00 -15.93
C ALA A 22 -12.20 -22.33 -17.36
N GLU A 23 -13.40 -21.95 -17.77
CA GLU A 23 -13.78 -22.10 -19.20
C GLU A 23 -12.81 -21.41 -20.16
N ASN A 24 -12.32 -20.22 -19.78
CA ASN A 24 -11.35 -19.47 -20.62
C ASN A 24 -9.90 -19.64 -20.12
N GLY A 25 -9.62 -20.74 -19.39
CA GLY A 25 -8.29 -20.99 -18.83
C GLY A 25 -7.20 -21.11 -19.89
N GLN A 26 -7.49 -21.80 -21.01
CA GLN A 26 -6.48 -21.93 -22.04
C GLN A 26 -6.20 -20.57 -22.70
N LEU A 27 -7.22 -19.72 -22.85
CA LEU A 27 -6.99 -18.40 -23.46
C LEU A 27 -6.04 -17.59 -22.52
N TYR A 28 -6.32 -17.65 -21.23
CA TYR A 28 -5.45 -17.02 -20.22
C TYR A 28 -4.01 -17.53 -20.34
N LYS A 29 -3.84 -18.84 -20.33
CA LYS A 29 -2.51 -19.39 -20.44
C LYS A 29 -1.79 -19.01 -21.74
N ASP A 30 -2.49 -19.04 -22.87
CA ASP A 30 -1.92 -18.63 -24.18
C ASP A 30 -1.47 -17.16 -24.18
N LEU A 31 -2.31 -16.28 -23.68
CA LEU A 31 -1.95 -14.86 -23.64
C LEU A 31 -0.83 -14.64 -22.66
N LEU A 32 -0.87 -15.33 -21.51
CA LEU A 32 0.22 -15.20 -20.53
C LEU A 32 1.54 -15.65 -21.12
N ASN A 33 1.51 -16.78 -21.85
CA ASN A 33 2.78 -17.26 -22.38
C ASN A 33 3.34 -16.32 -23.46
N LYS A 34 2.47 -15.73 -24.26
CA LYS A 34 2.92 -14.72 -25.26
C LYS A 34 3.55 -13.50 -24.65
N LEU A 35 2.92 -12.98 -23.59
CA LEU A 35 3.44 -11.85 -22.81
C LEU A 35 4.74 -12.14 -22.16
N VAL A 36 4.85 -13.34 -21.54
CA VAL A 36 6.12 -13.63 -20.92
C VAL A 36 7.25 -13.74 -21.97
N ASP A 37 7.02 -14.46 -23.08
CA ASP A 37 8.02 -14.54 -24.14
C ASP A 37 8.43 -13.13 -24.61
N GLU A 38 7.47 -12.21 -24.61
CA GLU A 38 7.77 -10.84 -25.16
C GLU A 38 8.74 -10.18 -24.16
N HIS A 39 8.50 -10.39 -22.87
CA HIS A 39 9.38 -9.77 -21.82
C HIS A 39 10.77 -10.40 -21.93
N LEU A 40 10.81 -11.76 -22.00
CA LEU A 40 12.09 -12.46 -22.04
C LEU A 40 12.91 -12.06 -23.30
N GLY A 41 12.21 -11.90 -24.43
CA GLY A 41 12.88 -11.50 -25.68
C GLY A 41 13.43 -10.07 -25.54
N TRP A 42 12.74 -9.27 -24.79
CA TRP A 42 13.15 -7.85 -24.50
C TRP A 42 14.42 -7.78 -23.64
N ARG A 43 14.53 -8.65 -22.61
CA ARG A 43 15.72 -8.63 -21.78
C ARG A 43 16.91 -9.05 -22.66
N LYS A 44 16.72 -10.05 -23.51
CA LYS A 44 17.81 -10.64 -24.24
C LYS A 44 18.27 -9.70 -25.36
N ASN A 45 17.32 -9.06 -26.05
CA ASN A 45 17.60 -8.45 -27.33
C ASN A 45 17.37 -7.01 -27.42
N TYR A 46 16.69 -6.36 -26.47
CA TYR A 46 16.37 -4.95 -26.67
C TYR A 46 17.69 -4.13 -26.81
N ILE A 47 18.69 -4.50 -26.03
CA ILE A 47 20.01 -3.91 -26.11
C ILE A 47 20.96 -5.08 -26.11
N PRO A 48 21.34 -5.48 -27.38
CA PRO A 48 22.22 -6.65 -27.41
C PRO A 48 23.55 -6.46 -26.67
N SER A 49 23.97 -7.49 -25.93
CA SER A 49 25.19 -7.49 -25.15
C SER A 49 25.87 -8.84 -25.03
N ASP A 50 27.15 -8.79 -24.67
CA ASP A 50 28.02 -9.93 -24.42
C ASP A 50 28.93 -9.64 -23.24
N PRO A 51 29.24 -10.63 -22.42
CA PRO A 51 28.68 -11.97 -22.61
C PRO A 51 27.61 -12.30 -21.54
N ASN A 52 27.09 -13.52 -21.51
CA ASN A 52 26.09 -13.93 -20.51
C ASN A 52 26.70 -14.24 -19.13
N MET A 53 26.10 -13.76 -18.05
CA MET A 53 26.60 -13.99 -16.74
C MET A 53 26.35 -15.45 -16.33
N ILE A 54 25.24 -16.05 -16.82
CA ILE A 54 24.85 -17.47 -16.48
C ILE A 54 24.96 -18.22 -17.81
N GLY A 55 25.76 -19.27 -17.86
CA GLY A 55 25.85 -20.16 -19.04
C GLY A 55 25.43 -21.62 -18.77
N PRO A 56 25.41 -22.44 -19.84
CA PRO A 56 25.08 -23.85 -19.80
C PRO A 56 25.98 -24.61 -18.84
N GLU A 57 27.21 -24.15 -18.63
CA GLU A 57 28.10 -24.80 -17.69
C GLU A 57 27.66 -24.56 -16.21
N ASP A 58 26.99 -23.41 -15.98
CA ASP A 58 26.35 -23.13 -14.69
C ASP A 58 25.04 -23.92 -14.55
N GLN A 59 24.18 -23.87 -15.58
CA GLN A 59 22.90 -24.52 -15.57
C GLN A 59 22.97 -26.06 -15.40
N ASN A 60 24.05 -26.68 -15.87
CA ASN A 60 24.16 -28.15 -15.81
C ASN A 60 24.93 -28.64 -14.61
N SER A 61 25.43 -27.75 -13.76
CA SER A 61 26.17 -28.20 -12.60
C SER A 61 25.24 -28.85 -11.54
N PRO A 62 25.76 -29.80 -10.73
CA PRO A 62 24.93 -30.46 -9.69
C PRO A 62 24.34 -29.45 -8.68
N ALA A 63 25.10 -28.45 -8.29
CA ALA A 63 24.59 -27.49 -7.35
C ALA A 63 23.41 -26.68 -7.92
N PHE A 64 23.51 -26.29 -9.19
CA PHE A 64 22.41 -25.58 -9.84
C PHE A 64 21.17 -26.45 -9.88
N LYS A 65 21.30 -27.71 -10.29
CA LYS A 65 20.13 -28.56 -10.39
C LYS A 65 19.58 -28.82 -9.01
N LYS A 66 20.43 -28.95 -8.04
CA LYS A 66 19.93 -29.19 -6.73
C LYS A 66 19.15 -27.95 -6.21
N THR A 67 19.65 -26.76 -6.54
CA THR A 67 18.94 -25.53 -6.13
C THR A 67 17.60 -25.39 -6.86
N VAL A 68 17.56 -25.68 -8.13
CA VAL A 68 16.26 -25.78 -8.79
C VAL A 68 15.32 -26.75 -8.05
N GLY A 69 15.85 -27.92 -7.67
CA GLY A 69 15.02 -28.93 -6.97
C GLY A 69 14.49 -28.28 -5.67
N HIS A 70 15.36 -27.60 -4.97
CA HIS A 70 14.94 -26.97 -3.68
C HIS A 70 13.83 -25.89 -3.93
N MET A 71 14.03 -25.06 -4.95
CA MET A 71 12.97 -24.08 -5.33
C MET A 71 11.67 -24.74 -5.69
N LYS A 72 11.71 -25.84 -6.44
CA LYS A 72 10.46 -26.57 -6.79
C LYS A 72 9.80 -27.11 -5.55
N THR A 73 10.58 -27.59 -4.58
CA THR A 73 10.00 -28.07 -3.34
C THR A 73 9.23 -26.98 -2.58
N VAL A 74 9.82 -25.79 -2.56
CA VAL A 74 9.16 -24.71 -1.86
C VAL A 74 7.87 -24.33 -2.59
N LEU A 75 7.94 -24.19 -3.90
CA LEU A 75 6.73 -23.85 -4.67
C LEU A 75 5.72 -24.96 -4.57
N ASP A 76 6.14 -26.22 -4.53
CA ASP A 76 5.12 -27.33 -4.36
C ASP A 76 4.43 -27.23 -3.02
N GLN A 77 5.18 -26.78 -2.01
CA GLN A 77 4.57 -26.57 -0.69
C GLN A 77 3.57 -25.43 -0.66
N LEU A 78 4.00 -24.32 -1.25
CA LEU A 78 3.10 -23.16 -1.40
C LEU A 78 1.82 -23.62 -2.12
N SER A 79 2.00 -24.32 -3.25
CA SER A 79 0.92 -24.74 -4.11
C SER A 79 -0.12 -25.61 -3.39
N GLU A 80 0.37 -26.58 -2.63
CA GLU A 80 -0.48 -27.46 -1.78
C GLU A 80 -1.25 -26.68 -0.73
N ARG A 81 -0.55 -25.83 0.03
CA ARG A 81 -1.22 -25.10 1.13
C ARG A 81 -2.32 -24.25 0.60
N ILE A 82 -2.07 -23.56 -0.50
CA ILE A 82 -3.13 -22.68 -0.99
C ILE A 82 -4.30 -23.50 -1.50
N ARG A 83 -4.04 -24.58 -2.22
CA ARG A 83 -5.17 -25.38 -2.77
C ARG A 83 -5.93 -26.14 -1.68
N THR A 84 -5.24 -26.61 -0.66
CA THR A 84 -6.00 -27.32 0.38
C THR A 84 -6.66 -26.46 1.46
N GLU A 85 -6.22 -25.20 1.63
CA GLU A 85 -6.83 -24.36 2.63
C GLU A 85 -7.86 -23.43 2.07
N SER A 86 -7.93 -23.26 0.76
CA SER A 86 -8.72 -22.14 0.24
C SER A 86 -10.18 -22.45 0.32
N VAL A 87 -11.02 -21.40 0.37
CA VAL A 87 -12.46 -21.58 0.24
C VAL A 87 -12.78 -22.00 -1.21
N PRO A 88 -13.66 -23.00 -1.42
CA PRO A 88 -14.01 -23.46 -2.79
C PRO A 88 -14.40 -22.30 -3.66
N TRP A 89 -14.07 -22.40 -4.95
CA TRP A 89 -14.23 -21.24 -5.84
C TRP A 89 -15.70 -20.89 -5.99
N HIS A 90 -16.04 -19.63 -6.00
CA HIS A 90 -17.42 -19.28 -6.08
C HIS A 90 -18.01 -19.38 -7.47
N SER A 91 -19.09 -20.13 -7.55
CA SER A 91 -19.92 -20.44 -8.69
C SER A 91 -21.23 -19.63 -8.67
N ALA A 92 -21.34 -18.75 -9.67
CA ALA A 92 -22.55 -17.95 -9.86
C ALA A 92 -23.80 -18.87 -9.86
N GLY A 93 -24.88 -18.41 -9.21
CA GLY A 93 -26.09 -19.19 -9.11
C GLY A 93 -26.12 -20.03 -7.83
N ARG A 94 -24.96 -20.42 -7.31
CA ARG A 94 -24.87 -21.14 -6.01
C ARG A 94 -24.41 -20.22 -4.87
N TYR A 95 -23.44 -19.36 -5.21
CA TYR A 95 -22.86 -18.52 -4.19
C TYR A 95 -23.54 -17.16 -4.16
N TRP A 96 -24.10 -16.85 -2.98
CA TRP A 96 -24.89 -15.64 -2.76
C TRP A 96 -24.43 -14.95 -1.48
N GLY A 97 -23.12 -14.78 -1.39
CA GLY A 97 -22.49 -14.30 -0.16
C GLY A 97 -21.85 -12.95 -0.43
N HIS A 98 -20.95 -12.52 0.46
CA HIS A 98 -20.45 -11.13 0.41
C HIS A 98 -19.08 -10.87 -0.24
N MET A 99 -18.38 -11.94 -0.65
CA MET A 99 -17.09 -11.74 -1.33
C MET A 99 -16.98 -12.26 -2.74
N ASN A 100 -16.28 -11.50 -3.57
CA ASN A 100 -15.90 -11.96 -4.89
C ASN A 100 -14.39 -11.95 -5.01
N SER A 101 -13.87 -12.99 -5.64
CA SER A 101 -12.45 -13.08 -5.96
C SER A 101 -12.13 -13.00 -7.47
N GLU A 102 -13.18 -13.08 -8.33
CA GLU A 102 -12.99 -13.00 -9.82
C GLU A 102 -12.59 -11.59 -10.36
N THR A 103 -11.49 -11.54 -11.09
CA THR A 103 -10.91 -10.30 -11.52
C THR A 103 -10.90 -10.34 -13.04
N LEU A 104 -10.77 -9.18 -13.68
CA LEU A 104 -10.73 -9.15 -15.15
C LEU A 104 -9.50 -9.77 -15.66
N MET A 105 -9.61 -10.58 -16.71
CA MET A 105 -8.42 -11.16 -17.31
C MET A 105 -7.34 -10.21 -17.84
N PRO A 106 -7.76 -9.06 -18.47
CA PRO A 106 -6.72 -8.18 -18.91
C PRO A 106 -5.99 -7.54 -17.73
N ALA A 107 -6.69 -7.32 -16.60
CA ALA A 107 -6.02 -6.80 -15.40
C ALA A 107 -5.01 -7.81 -14.87
N LEU A 108 -5.38 -9.09 -14.87
CA LEU A 108 -4.47 -10.13 -14.40
C LEU A 108 -3.22 -10.29 -15.28
N LEU A 109 -3.45 -10.41 -16.58
CA LEU A 109 -2.35 -10.52 -17.54
C LEU A 109 -1.41 -9.29 -17.50
N ALA A 110 -1.99 -8.08 -17.43
CA ALA A 110 -1.18 -6.89 -17.37
C ALA A 110 -0.31 -6.84 -16.13
N TYR A 111 -0.85 -7.24 -14.97
CA TYR A 111 -0.03 -7.33 -13.76
C TYR A 111 1.09 -8.32 -13.96
N ASN A 112 0.73 -9.53 -14.40
CA ASN A 112 1.76 -10.63 -14.64
C ASN A 112 2.94 -10.14 -15.48
N TYR A 113 2.59 -9.42 -16.54
CA TYR A 113 3.58 -8.91 -17.50
C TYR A 113 4.39 -7.76 -16.94
N ALA A 114 3.72 -6.72 -16.46
CA ALA A 114 4.43 -5.56 -15.91
C ALA A 114 5.29 -5.93 -14.70
N MET A 115 4.88 -6.93 -13.90
CA MET A 115 5.71 -7.29 -12.72
C MET A 115 7.08 -7.80 -13.08
N LEU A 116 7.24 -8.32 -14.27
CA LEU A 116 8.56 -8.77 -14.73
C LEU A 116 9.60 -7.62 -14.83
N TRP A 117 9.13 -6.42 -15.17
CA TRP A 117 10.02 -5.31 -15.12
C TRP A 117 10.20 -4.79 -13.71
N ASN A 118 9.19 -5.03 -12.85
CA ASN A 118 9.27 -4.64 -11.47
C ASN A 118 9.52 -3.16 -11.25
N GLY A 119 8.83 -2.31 -12.03
CA GLY A 119 9.08 -0.88 -11.84
C GLY A 119 8.46 -0.35 -10.56
N ASN A 120 8.99 0.75 -10.05
CA ASN A 120 8.51 1.35 -8.83
C ASN A 120 7.93 2.69 -9.31
N ASN A 121 6.64 2.97 -9.04
CA ASN A 121 6.04 4.24 -9.53
C ASN A 121 6.25 5.46 -8.60
N VAL A 122 7.12 5.33 -7.58
CA VAL A 122 7.35 6.47 -6.68
C VAL A 122 8.13 7.57 -7.37
N ALA A 123 8.94 7.21 -8.36
CA ALA A 123 9.81 8.18 -9.13
C ALA A 123 9.71 7.85 -10.62
N TYR A 124 9.25 8.85 -11.37
CA TYR A 124 9.06 8.72 -12.81
C TYR A 124 10.23 8.11 -13.52
N GLU A 125 11.39 8.69 -13.30
CA GLU A 125 12.61 8.26 -13.92
C GLU A 125 12.82 6.78 -13.83
N SER A 126 12.37 6.17 -12.76
CA SER A 126 12.57 4.75 -12.57
C SER A 126 11.80 3.78 -13.48
N SER A 127 10.60 4.16 -13.84
CA SER A 127 9.69 3.37 -14.62
C SER A 127 8.70 4.27 -15.39
N PRO A 128 9.20 4.94 -16.45
CA PRO A 128 8.43 5.93 -17.13
C PRO A 128 7.17 5.38 -17.76
N ALA A 129 7.16 4.15 -18.27
CA ALA A 129 5.91 3.69 -18.92
C ALA A 129 4.77 3.50 -17.92
N THR A 130 5.05 2.88 -16.77
CA THR A 130 4.01 2.67 -15.78
C THR A 130 3.66 3.97 -15.04
N SER A 131 4.62 4.88 -14.90
CA SER A 131 4.36 6.19 -14.29
C SER A 131 3.34 6.97 -15.15
N GLN A 132 3.52 6.88 -16.43
CA GLN A 132 2.60 7.50 -17.40
C GLN A 132 1.26 6.80 -17.36
N MET A 133 1.26 5.47 -17.22
CA MET A 133 -0.03 4.79 -17.01
C MET A 133 -0.76 5.22 -15.75
N GLU A 134 -0.05 5.42 -14.63
CA GLU A 134 -0.72 5.82 -13.43
C GLU A 134 -1.29 7.25 -13.60
N GLU A 135 -0.55 8.13 -14.26
CA GLU A 135 -1.10 9.47 -14.56
C GLU A 135 -2.40 9.41 -15.38
N GLU A 136 -2.41 8.61 -16.43
CA GLU A 136 -3.66 8.40 -17.21
C GLU A 136 -4.78 7.78 -16.40
N VAL A 137 -4.49 6.79 -15.54
CA VAL A 137 -5.49 6.33 -14.63
C VAL A 137 -6.07 7.42 -13.75
N GLY A 138 -5.19 8.24 -13.15
CA GLY A 138 -5.71 9.37 -12.36
C GLY A 138 -6.67 10.26 -13.20
N GLN A 139 -6.29 10.54 -14.44
CA GLN A 139 -7.12 11.42 -15.35
C GLN A 139 -8.46 10.70 -15.64
N GLU A 140 -8.40 9.38 -15.78
CA GLU A 140 -9.61 8.54 -15.97
C GLU A 140 -10.53 8.61 -14.76
N PHE A 141 -9.99 8.51 -13.55
CA PHE A 141 -10.82 8.67 -12.34
C PHE A 141 -11.49 10.04 -12.30
N ALA A 142 -10.73 11.05 -12.60
CA ALA A 142 -11.27 12.41 -12.58
C ALA A 142 -12.40 12.60 -13.57
N ARG A 143 -12.22 12.04 -14.77
CA ARG A 143 -13.25 12.15 -15.80
C ARG A 143 -14.48 11.35 -15.35
N LEU A 144 -14.26 10.15 -14.79
CA LEU A 144 -15.39 9.38 -14.28
C LEU A 144 -16.23 10.15 -13.24
N MET A 145 -15.57 10.98 -12.39
CA MET A 145 -16.30 11.60 -11.32
C MET A 145 -16.85 12.98 -11.78
N GLY A 146 -16.53 13.35 -12.99
CA GLY A 146 -17.04 14.63 -13.55
C GLY A 146 -16.25 15.82 -13.13
N TYR A 147 -15.00 15.64 -12.71
CA TYR A 147 -14.19 16.76 -12.30
C TYR A 147 -13.61 17.42 -13.57
N ASP A 148 -13.84 18.69 -13.80
CA ASP A 148 -13.19 19.38 -14.95
C ASP A 148 -11.71 19.65 -14.81
N TYR A 149 -11.21 19.84 -13.60
CA TYR A 149 -9.76 19.95 -13.45
C TYR A 149 -9.22 19.22 -12.21
N GLY A 150 -9.73 17.99 -12.03
CA GLY A 150 -9.24 17.20 -10.90
C GLY A 150 -8.07 16.29 -11.25
N TRP A 151 -7.77 15.33 -10.35
CA TRP A 151 -6.61 14.48 -10.53
C TRP A 151 -6.93 13.26 -9.61
N GLY A 152 -6.11 12.27 -9.71
CA GLY A 152 -6.31 11.07 -8.80
C GLY A 152 -5.06 10.22 -8.90
N HIS A 153 -4.97 9.14 -8.05
CA HIS A 153 -3.87 8.30 -8.21
C HIS A 153 -4.30 6.98 -7.52
N ILE A 154 -3.49 5.97 -7.73
CA ILE A 154 -3.81 4.64 -7.13
C ILE A 154 -3.20 4.65 -5.69
N VAL A 155 -3.90 4.08 -4.70
CA VAL A 155 -3.49 4.10 -3.32
C VAL A 155 -3.41 2.59 -2.99
N ALA A 156 -2.59 2.21 -2.01
CA ALA A 156 -2.45 0.77 -1.65
C ALA A 156 -3.79 0.08 -1.33
N ASP A 157 -4.71 0.77 -0.62
CA ASP A 157 -6.05 0.28 -0.50
C ASP A 157 -7.02 1.39 -0.17
N GLY A 158 -8.30 1.08 -0.11
CA GLY A 158 -9.29 2.18 0.09
C GLY A 158 -9.25 2.72 1.53
N SER A 159 -8.83 1.91 2.54
CA SER A 159 -8.65 2.55 3.90
C SER A 159 -7.63 3.69 3.87
N LEU A 160 -6.51 3.45 3.18
CA LEU A 160 -5.51 4.49 3.06
C LEU A 160 -5.98 5.65 2.19
N ALA A 161 -6.79 5.38 1.17
CA ALA A 161 -7.40 6.50 0.39
C ALA A 161 -8.29 7.38 1.32
N ASN A 162 -9.01 6.77 2.27
CA ASN A 162 -9.85 7.57 3.20
C ASN A 162 -8.98 8.40 4.14
N LEU A 163 -7.86 7.81 4.55
CA LEU A 163 -6.86 8.52 5.40
C LEU A 163 -6.32 9.72 4.61
N GLU A 164 -6.01 9.48 3.36
CA GLU A 164 -5.49 10.53 2.49
C GLU A 164 -6.54 11.64 2.36
N GLY A 165 -7.78 11.27 2.15
CA GLY A 165 -8.94 12.21 2.16
C GLY A 165 -8.95 13.08 3.38
N LEU A 166 -8.78 12.45 4.54
CA LEU A 166 -8.78 13.23 5.75
C LEU A 166 -7.53 14.10 5.91
N TRP A 167 -6.38 13.67 5.38
CA TRP A 167 -5.16 14.45 5.45
C TRP A 167 -5.38 15.71 4.63
N TYR A 168 -5.99 15.56 3.46
CA TYR A 168 -6.36 16.79 2.67
C TYR A 168 -7.28 17.69 3.43
N ALA A 169 -8.33 17.17 4.00
CA ALA A 169 -9.35 18.03 4.66
C ALA A 169 -8.69 18.76 5.87
N ARG A 170 -7.94 18.01 6.67
CA ARG A 170 -7.17 18.59 7.81
C ARG A 170 -6.22 19.71 7.39
N ASN A 171 -5.40 19.44 6.37
CA ASN A 171 -4.43 20.43 5.96
C ASN A 171 -5.12 21.69 5.34
N ILE A 172 -6.09 21.43 4.49
CA ILE A 172 -6.85 22.54 3.84
C ILE A 172 -7.55 23.41 4.86
N LYS A 173 -8.27 22.81 5.82
CA LYS A 173 -8.90 23.53 6.87
C LYS A 173 -7.97 24.49 7.62
N SER A 174 -6.71 24.10 7.81
CA SER A 174 -5.75 24.85 8.61
C SER A 174 -5.07 26.01 7.80
N LEU A 175 -5.27 26.03 6.50
CA LEU A 175 -4.50 26.96 5.66
C LEU A 175 -4.86 28.41 5.85
N PRO A 176 -6.15 28.73 6.02
CA PRO A 176 -6.40 30.19 6.24
C PRO A 176 -5.73 30.72 7.52
N PHE A 177 -5.70 29.93 8.58
CA PHE A 177 -4.88 30.38 9.73
C PHE A 177 -3.39 30.45 9.52
N ALA A 178 -2.85 29.52 8.73
CA ALA A 178 -1.45 29.53 8.43
C ALA A 178 -1.16 30.84 7.60
N MET A 179 -2.05 31.21 6.71
CA MET A 179 -1.83 32.45 5.91
C MET A 179 -1.90 33.65 6.83
N LYS A 180 -2.87 33.66 7.74
CA LYS A 180 -2.92 34.74 8.71
C LYS A 180 -1.59 34.90 9.46
N GLU A 181 -1.03 33.78 9.83
CA GLU A 181 0.15 33.81 10.60
C GLU A 181 1.38 34.24 9.80
N VAL A 182 1.47 33.86 8.52
CA VAL A 182 2.59 34.21 7.66
C VAL A 182 2.43 35.61 7.07
N ASN A 183 1.23 35.96 6.66
CA ASN A 183 1.01 37.27 5.97
C ASN A 183 -0.43 37.66 6.17
N PRO A 184 -0.71 38.38 7.23
CA PRO A 184 -2.11 38.81 7.58
C PRO A 184 -2.92 39.57 6.50
N GLU A 185 -2.21 40.27 5.60
CA GLU A 185 -2.90 40.93 4.45
C GLU A 185 -3.63 40.00 3.51
N LEU A 186 -3.12 38.78 3.34
CA LEU A 186 -3.84 37.78 2.53
C LEU A 186 -5.29 37.50 2.99
N VAL A 187 -5.60 37.76 4.25
CA VAL A 187 -6.93 37.38 4.78
C VAL A 187 -7.43 38.52 5.67
N ALA A 188 -6.95 39.74 5.38
CA ALA A 188 -7.32 40.94 6.15
C ALA A 188 -8.81 41.07 6.28
N GLY A 189 -9.28 41.47 7.45
CA GLY A 189 -10.73 41.69 7.64
C GLY A 189 -11.59 40.44 7.89
N LYS A 190 -11.00 39.26 7.96
CA LYS A 190 -11.82 38.05 8.14
C LYS A 190 -11.68 37.60 9.55
N SER A 191 -12.80 37.32 10.22
CA SER A 191 -12.72 36.88 11.61
C SER A 191 -12.21 35.43 11.58
N ASP A 192 -11.87 34.89 12.75
CA ASP A 192 -11.47 33.48 12.82
C ASP A 192 -12.55 32.51 12.33
N TRP A 193 -13.81 32.78 12.66
CA TRP A 193 -14.94 31.96 12.25
C TRP A 193 -15.06 31.97 10.74
N GLU A 194 -14.91 33.11 10.11
CA GLU A 194 -14.81 33.14 8.65
C GLU A 194 -13.68 32.34 8.03
N LEU A 195 -12.50 32.47 8.61
CA LEU A 195 -11.33 31.76 8.12
C LEU A 195 -11.61 30.24 8.26
N LEU A 196 -12.38 29.84 9.22
CA LEU A 196 -12.66 28.38 9.43
C LEU A 196 -13.88 27.97 8.58
N ASN A 197 -14.46 28.91 7.80
CA ASN A 197 -15.57 28.48 6.94
C ASN A 197 -15.40 28.96 5.50
N MET A 198 -14.17 29.02 5.08
CA MET A 198 -13.88 29.35 3.71
C MET A 198 -14.09 28.14 2.83
N PRO A 199 -14.75 28.33 1.68
CA PRO A 199 -14.90 27.24 0.72
C PRO A 199 -13.54 26.80 0.23
N THR A 200 -13.39 25.55 -0.10
CA THR A 200 -12.09 25.03 -0.51
C THR A 200 -11.52 25.75 -1.75
N LYS A 201 -12.36 26.03 -2.72
CA LYS A 201 -11.83 26.69 -3.90
C LYS A 201 -11.22 28.09 -3.59
N GLU A 202 -11.90 28.82 -2.73
CA GLU A 202 -11.42 30.11 -2.25
C GLU A 202 -10.06 29.99 -1.46
N ILE A 203 -9.91 28.96 -0.63
CA ILE A 203 -8.65 28.67 0.02
C ILE A 203 -7.56 28.42 -1.03
N MET A 204 -7.83 27.59 -2.07
CA MET A 204 -6.86 27.27 -3.10
C MET A 204 -6.46 28.55 -3.89
N ASP A 205 -7.45 29.38 -4.18
CA ASP A 205 -7.14 30.71 -4.86
C ASP A 205 -6.27 31.60 -3.98
N LEU A 206 -6.54 31.66 -2.68
CA LEU A 206 -5.69 32.46 -1.80
C LEU A 206 -4.27 31.94 -1.75
N LEU A 207 -4.15 30.64 -1.66
CA LEU A 207 -2.85 30.01 -1.61
C LEU A 207 -2.07 30.33 -2.90
N GLU A 208 -2.73 30.26 -4.08
CA GLU A 208 -2.09 30.60 -5.38
C GLU A 208 -1.58 32.05 -5.35
N ASN A 209 -2.39 32.94 -4.79
CA ASN A 209 -2.03 34.34 -4.56
C ASN A 209 -0.90 34.53 -3.58
N ALA A 210 -0.71 33.59 -2.67
CA ALA A 210 0.39 33.72 -1.72
C ALA A 210 1.71 33.61 -2.45
N GLY A 211 1.65 32.99 -3.64
CA GLY A 211 2.79 32.89 -4.53
C GLY A 211 4.04 32.34 -3.89
N SER A 212 5.01 33.23 -3.72
CA SER A 212 6.32 32.86 -3.22
C SER A 212 6.32 32.55 -1.72
N GLN A 213 5.20 32.79 -1.03
CA GLN A 213 5.21 32.44 0.37
C GLN A 213 4.56 31.07 0.65
N ILE A 214 4.19 30.34 -0.40
CA ILE A 214 3.47 29.11 -0.23
C ILE A 214 4.19 28.14 0.71
N ASP A 215 5.51 28.05 0.59
CA ASP A 215 6.29 27.13 1.44
C ASP A 215 6.23 27.50 2.89
N GLU A 216 6.25 28.78 3.18
CA GLU A 216 6.11 29.21 4.61
C GLU A 216 4.77 29.04 5.14
N VAL A 217 3.76 29.20 4.30
CA VAL A 217 2.38 29.01 4.73
C VAL A 217 2.22 27.45 5.08
N LYS A 218 2.74 26.60 4.23
CA LYS A 218 2.54 25.12 4.46
C LYS A 218 3.23 24.79 5.74
N LYS A 219 4.41 25.36 5.96
CA LYS A 219 5.09 25.14 7.25
C LYS A 219 4.24 25.49 8.46
N ARG A 220 3.33 26.47 8.37
CA ARG A 220 2.53 26.83 9.54
C ARG A 220 1.17 26.11 9.53
N SER A 221 0.89 25.31 8.51
CA SER A 221 -0.42 24.71 8.42
C SER A 221 -0.41 23.48 9.42
N ALA A 222 -1.45 22.66 9.37
CA ALA A 222 -1.57 21.45 10.27
C ALA A 222 -0.35 20.55 10.12
N ARG A 223 0.39 20.64 9.01
CA ARG A 223 1.70 19.97 8.85
C ARG A 223 2.64 20.19 10.06
N SER A 224 2.58 21.37 10.64
CA SER A 224 3.41 21.74 11.77
C SER A 224 3.06 20.97 13.09
N GLY A 225 1.86 20.42 13.16
CA GLY A 225 1.27 19.84 14.39
C GLY A 225 0.46 20.84 15.27
N LYS A 226 0.46 22.12 14.88
CA LYS A 226 -0.26 23.18 15.60
C LYS A 226 -1.67 23.30 15.01
N ASN A 227 -2.58 23.63 15.91
CA ASN A 227 -3.98 24.00 15.68
C ASN A 227 -4.90 22.87 15.33
N LEU A 228 -4.50 21.60 15.56
CA LEU A 228 -5.32 20.51 15.07
C LEU A 228 -6.68 20.51 15.69
N GLN A 229 -6.76 20.88 16.97
CA GLN A 229 -8.01 20.76 17.72
C GLN A 229 -9.02 21.90 17.40
N ARG A 230 -8.54 22.90 16.71
CA ARG A 230 -9.33 24.02 16.32
C ARG A 230 -10.03 23.75 15.00
N LEU A 231 -9.70 22.65 14.37
CA LEU A 231 -10.15 22.40 12.98
C LEU A 231 -11.56 21.90 12.85
N GLY A 232 -12.10 21.34 13.91
CA GLY A 232 -13.52 21.01 13.85
C GLY A 232 -13.83 19.51 13.86
N LYS A 233 -15.07 19.17 13.65
CA LYS A 233 -15.60 17.77 13.84
C LYS A 233 -15.68 17.08 12.46
N TRP A 234 -15.47 15.77 12.46
CA TRP A 234 -15.57 14.95 11.25
C TRP A 234 -16.80 14.09 11.38
N LEU A 235 -17.82 14.42 10.58
CA LEU A 235 -19.14 13.79 10.64
C LEU A 235 -19.25 12.65 9.64
N VAL A 236 -19.61 11.49 10.15
CA VAL A 236 -19.67 10.32 9.33
C VAL A 236 -21.00 9.59 9.67
N PRO A 237 -21.55 8.82 8.74
CA PRO A 237 -22.80 8.07 9.08
C PRO A 237 -22.46 7.05 10.20
N GLN A 238 -23.46 6.80 11.04
CA GLN A 238 -23.23 5.96 12.21
C GLN A 238 -22.66 4.58 11.88
N THR A 239 -22.99 4.06 10.71
CA THR A 239 -22.47 2.74 10.32
C THR A 239 -21.10 2.83 9.61
N LYS A 240 -20.42 3.99 9.64
CA LYS A 240 -19.08 4.21 8.93
C LYS A 240 -18.24 2.93 8.85
N HIS A 241 -17.54 2.75 7.72
CA HIS A 241 -16.43 1.75 7.69
C HIS A 241 -15.31 2.06 8.77
N TYR A 242 -14.79 1.07 9.48
CA TYR A 242 -13.94 1.40 10.65
C TYR A 242 -12.68 2.21 10.19
N SER A 243 -12.21 2.05 8.92
CA SER A 243 -11.08 2.87 8.39
C SER A 243 -11.20 4.36 8.81
N TRP A 244 -12.44 4.90 9.06
CA TRP A 244 -12.68 6.34 9.56
C TRP A 244 -12.33 6.66 11.04
N MET A 245 -12.72 5.80 11.96
CA MET A 245 -12.30 5.98 13.37
C MET A 245 -10.74 5.90 13.54
N LYS A 246 -10.20 4.95 12.81
CA LYS A 246 -8.83 4.67 12.69
C LYS A 246 -8.12 5.85 12.02
N ALA A 247 -8.69 6.37 10.94
CA ALA A 247 -8.17 7.51 10.23
C ALA A 247 -8.04 8.74 11.13
N ALA A 248 -9.06 9.06 11.90
CA ALA A 248 -9.03 10.20 12.79
C ALA A 248 -7.92 10.10 13.83
N ASP A 249 -7.79 8.91 14.42
CA ASP A 249 -6.69 8.58 15.36
C ASP A 249 -5.32 8.75 14.67
N ILE A 250 -5.12 8.15 13.51
CA ILE A 250 -3.83 8.26 12.83
C ILE A 250 -3.50 9.72 12.51
N ILE A 251 -4.50 10.44 11.99
CA ILE A 251 -4.22 11.80 11.41
C ILE A 251 -4.07 12.83 12.51
N GLY A 252 -4.30 12.45 13.74
CA GLY A 252 -4.04 13.36 14.86
C GLY A 252 -5.19 14.25 15.32
N ILE A 253 -6.36 14.22 14.67
CA ILE A 253 -7.49 14.98 15.28
C ILE A 253 -8.11 14.19 16.40
N GLY A 254 -7.90 12.85 16.37
CA GLY A 254 -8.46 11.99 17.42
C GLY A 254 -9.86 11.46 17.32
N LEU A 255 -10.07 10.31 17.95
CA LEU A 255 -11.37 9.66 17.94
C LEU A 255 -12.42 10.58 18.46
N ASP A 256 -12.05 11.48 19.35
CA ASP A 256 -13.01 12.31 20.03
C ASP A 256 -13.66 13.30 19.04
N GLN A 257 -13.07 13.51 17.85
CA GLN A 257 -13.58 14.52 16.90
C GLN A 257 -14.44 13.89 15.84
N VAL A 258 -14.62 12.54 15.89
CA VAL A 258 -15.50 11.89 14.92
C VAL A 258 -16.92 11.91 15.46
N VAL A 259 -17.88 12.40 14.69
CA VAL A 259 -19.25 12.50 15.19
C VAL A 259 -20.13 11.59 14.33
N PRO A 260 -20.79 10.59 14.91
CA PRO A 260 -21.66 9.73 14.10
C PRO A 260 -23.01 10.41 13.81
N VAL A 261 -23.46 10.33 12.57
CA VAL A 261 -24.74 10.92 12.13
C VAL A 261 -25.71 9.76 11.96
N PRO A 262 -26.90 9.84 12.58
CA PRO A 262 -27.88 8.73 12.50
C PRO A 262 -28.24 8.43 11.06
N ILE A 263 -28.50 7.15 10.77
CA ILE A 263 -29.00 6.79 9.41
C ILE A 263 -30.52 6.62 9.44
N ASP A 264 -31.17 6.59 8.29
CA ASP A 264 -32.65 6.49 8.24
C ASP A 264 -33.03 5.03 7.92
N SER A 265 -34.32 4.79 7.66
CA SER A 265 -34.80 3.42 7.39
C SER A 265 -34.29 2.82 6.08
N ASN A 266 -33.81 3.67 5.16
CA ASN A 266 -33.07 3.15 4.01
C ASN A 266 -31.60 2.96 4.28
N TYR A 267 -31.14 3.17 5.52
CA TYR A 267 -29.73 2.94 5.92
C TYR A 267 -28.83 3.99 5.21
N ARG A 268 -29.44 5.12 4.83
CA ARG A 268 -28.66 6.23 4.32
C ARG A 268 -28.54 7.24 5.47
N MET A 269 -27.48 8.06 5.45
CA MET A 269 -27.33 9.14 6.36
C MET A 269 -28.58 10.04 6.37
N ASP A 270 -29.06 10.34 7.56
CA ASP A 270 -30.30 11.12 7.71
C ASP A 270 -29.92 12.60 7.58
N ILE A 271 -30.36 13.23 6.49
CA ILE A 271 -29.90 14.60 6.23
C ILE A 271 -30.51 15.66 7.16
N GLN A 272 -31.68 15.38 7.71
CA GLN A 272 -32.25 16.30 8.68
C GLN A 272 -31.38 16.26 9.95
N ALA A 273 -31.03 15.06 10.40
CA ALA A 273 -30.11 14.91 11.53
C ALA A 273 -28.69 15.50 11.22
N LEU A 274 -28.18 15.32 10.00
CA LEU A 274 -26.92 16.01 9.60
C LEU A 274 -27.04 17.48 9.85
N GLU A 275 -28.12 18.09 9.41
CA GLU A 275 -28.25 19.54 9.53
C GLU A 275 -28.37 20.03 10.97
N SER A 276 -29.08 19.26 11.75
CA SER A 276 -29.28 19.57 13.13
C SER A 276 -27.94 19.55 13.88
N ILE A 277 -27.15 18.47 13.66
CA ILE A 277 -25.80 18.37 14.25
C ILE A 277 -24.92 19.56 13.83
N ILE A 278 -24.89 19.84 12.54
CA ILE A 278 -24.02 20.95 12.06
C ILE A 278 -24.44 22.21 12.73
N ARG A 279 -25.72 22.49 12.79
CA ARG A 279 -26.22 23.73 13.37
C ARG A 279 -25.86 23.88 14.86
N LYS A 280 -25.85 22.77 15.54
CA LYS A 280 -25.52 22.69 16.91
C LYS A 280 -24.08 23.13 17.11
N TYR A 281 -23.19 22.51 16.37
CA TYR A 281 -21.81 22.86 16.47
C TYR A 281 -21.57 24.30 16.05
N ALA A 282 -22.21 24.71 14.99
CA ALA A 282 -21.98 26.11 14.48
C ALA A 282 -22.37 27.18 15.51
N ALA A 283 -23.41 26.88 16.27
CA ALA A 283 -24.00 27.81 17.21
C ALA A 283 -23.05 27.99 18.35
N GLU A 284 -22.16 27.03 18.58
CA GLU A 284 -21.15 27.28 19.58
C GLU A 284 -19.79 27.62 18.96
N LYS A 285 -19.76 27.89 17.67
CA LYS A 285 -18.53 28.26 16.91
C LYS A 285 -17.47 27.11 16.91
N THR A 286 -17.97 25.88 16.89
CA THR A 286 -17.18 24.72 16.58
C THR A 286 -17.33 24.44 15.06
N PRO A 287 -16.22 24.46 14.30
CA PRO A 287 -16.30 24.20 12.85
C PRO A 287 -16.60 22.72 12.53
N ILE A 288 -16.97 22.52 11.30
CA ILE A 288 -17.14 21.14 10.78
C ILE A 288 -15.93 20.92 9.89
N LEU A 289 -15.03 20.04 10.30
CA LEU A 289 -13.87 19.74 9.48
C LEU A 289 -14.32 19.09 8.17
N GLY A 290 -15.29 18.20 8.21
CA GLY A 290 -15.89 17.68 7.01
C GLY A 290 -16.92 16.61 7.26
N VAL A 291 -17.55 16.24 6.16
CA VAL A 291 -18.64 15.29 6.14
C VAL A 291 -18.28 14.20 5.15
N VAL A 292 -18.50 12.94 5.57
CA VAL A 292 -18.35 11.77 4.69
C VAL A 292 -19.76 11.30 4.21
N GLY A 293 -19.91 11.26 2.89
CA GLY A 293 -21.11 10.65 2.20
C GLY A 293 -20.66 9.27 1.72
N VAL A 294 -21.43 8.22 2.03
CA VAL A 294 -21.06 6.89 1.53
C VAL A 294 -21.85 6.52 0.26
N ALA A 295 -21.16 6.09 -0.78
CA ALA A 295 -21.88 5.60 -1.97
C ALA A 295 -21.67 4.10 -2.06
N GLY A 296 -22.57 3.35 -1.45
CA GLY A 296 -22.40 1.90 -1.36
C GLY A 296 -21.90 1.48 -0.01
N SER A 297 -22.81 1.44 0.95
CA SER A 297 -22.45 1.00 2.31
C SER A 297 -22.06 -0.48 2.38
N THR A 298 -21.31 -0.78 3.41
CA THR A 298 -20.63 -2.04 3.47
C THR A 298 -21.63 -3.18 3.59
N GLU A 299 -22.68 -2.99 4.36
CA GLU A 299 -23.60 -4.13 4.59
C GLU A 299 -24.95 -4.06 3.87
N GLU A 300 -25.31 -2.92 3.33
CA GLU A 300 -26.62 -2.78 2.68
C GLU A 300 -26.45 -2.28 1.29
N GLY A 301 -25.25 -1.83 0.89
CA GLY A 301 -25.11 -1.20 -0.41
C GLY A 301 -25.96 0.08 -0.55
N ALA A 302 -26.28 0.72 0.57
CA ALA A 302 -27.07 1.97 0.47
C ALA A 302 -26.20 3.09 -0.13
N VAL A 303 -26.85 4.01 -0.79
CA VAL A 303 -26.15 5.14 -1.41
C VAL A 303 -26.69 6.42 -0.74
N ASP A 304 -25.86 7.12 0.04
CA ASP A 304 -26.29 8.33 0.76
C ASP A 304 -26.72 9.44 -0.27
N GLY A 305 -27.56 10.37 0.19
CA GLY A 305 -28.06 11.46 -0.71
C GLY A 305 -27.04 12.53 -0.86
N ILE A 306 -26.04 12.27 -1.67
CA ILE A 306 -24.93 13.22 -1.80
C ILE A 306 -25.47 14.56 -2.34
N ASP A 307 -26.47 14.51 -3.21
CA ASP A 307 -27.12 15.69 -3.74
C ASP A 307 -27.77 16.53 -2.63
N LYS A 308 -28.38 15.86 -1.66
CA LYS A 308 -29.01 16.56 -0.56
C LYS A 308 -27.96 17.17 0.38
N ILE A 309 -26.80 16.47 0.55
CA ILE A 309 -25.66 17.02 1.32
C ILE A 309 -25.12 18.30 0.64
N VAL A 310 -25.04 18.26 -0.68
CA VAL A 310 -24.49 19.39 -1.45
C VAL A 310 -25.46 20.55 -1.32
N ALA A 311 -26.76 20.26 -1.43
CA ALA A 311 -27.77 21.34 -1.33
C ALA A 311 -27.76 21.93 0.10
N LEU A 312 -27.58 21.07 1.10
CA LEU A 312 -27.50 21.58 2.47
C LEU A 312 -26.33 22.53 2.62
N ARG A 313 -25.19 22.14 2.05
CA ARG A 313 -23.99 22.93 2.22
C ARG A 313 -24.22 24.30 1.51
N GLN A 314 -24.86 24.29 0.35
CA GLN A 314 -25.20 25.59 -0.34
C GLN A 314 -26.13 26.45 0.53
N LYS A 315 -27.06 25.80 1.23
CA LYS A 315 -27.92 26.49 2.16
C LYS A 315 -27.12 27.09 3.33
N LEU A 316 -26.25 26.29 3.94
CA LEU A 316 -25.51 26.72 5.14
C LEU A 316 -24.47 27.78 4.84
N GLN A 317 -23.96 27.77 3.62
CA GLN A 317 -23.02 28.76 3.17
C GLN A 317 -23.57 30.18 3.25
N LYS A 318 -24.85 30.36 2.93
CA LYS A 318 -25.54 31.65 3.19
C LYS A 318 -25.51 32.08 4.64
N GLU A 319 -25.33 31.17 5.57
CA GLU A 319 -25.27 31.52 7.00
C GLU A 319 -23.85 31.46 7.51
N GLY A 320 -22.87 31.34 6.64
CA GLY A 320 -21.46 31.42 7.08
C GLY A 320 -20.84 30.08 7.54
N ILE A 321 -21.43 28.99 7.10
CA ILE A 321 -20.97 27.65 7.42
C ILE A 321 -20.55 26.91 6.20
N TYR A 322 -19.33 26.32 6.23
CA TYR A 322 -18.89 25.52 5.14
C TYR A 322 -18.34 24.19 5.68
N PHE A 323 -18.45 23.12 4.92
CA PHE A 323 -17.68 21.91 5.27
C PHE A 323 -17.15 21.21 4.03
N TYR A 324 -15.99 20.64 4.17
CA TYR A 324 -15.41 19.76 3.18
C TYR A 324 -16.26 18.52 3.03
N LEU A 325 -16.41 18.03 1.78
CA LEU A 325 -17.18 16.81 1.55
C LEU A 325 -16.29 15.78 0.93
N HIS A 326 -16.23 14.63 1.61
CA HIS A 326 -15.55 13.48 1.06
C HIS A 326 -16.57 12.37 0.72
N VAL A 327 -16.53 11.81 -0.49
CA VAL A 327 -17.38 10.67 -0.81
C VAL A 327 -16.63 9.37 -0.70
N ASP A 328 -17.08 8.49 0.19
CA ASP A 328 -16.49 7.18 0.21
C ASP A 328 -17.23 6.27 -0.79
N ALA A 329 -16.67 6.11 -1.98
CA ALA A 329 -17.33 5.26 -3.02
C ALA A 329 -16.38 4.08 -3.27
N ALA A 330 -15.69 3.68 -2.20
CA ALA A 330 -14.85 2.44 -2.28
C ALA A 330 -15.57 1.34 -3.01
N TYR A 331 -16.82 1.12 -2.65
CA TYR A 331 -17.61 0.12 -3.23
C TYR A 331 -18.40 0.56 -4.45
N GLY A 332 -19.03 1.74 -4.40
CA GLY A 332 -19.98 2.14 -5.45
C GLY A 332 -19.39 3.11 -6.50
N GLY A 333 -18.06 3.34 -6.49
CA GLY A 333 -17.37 4.33 -7.39
C GLY A 333 -17.53 4.06 -8.89
N TYR A 334 -17.28 2.81 -9.28
CA TYR A 334 -17.27 2.37 -10.68
C TYR A 334 -18.70 2.42 -11.23
N ALA A 335 -19.69 2.41 -10.32
CA ALA A 335 -21.11 2.42 -10.76
C ALA A 335 -21.45 3.76 -11.41
N ARG A 336 -20.64 4.79 -11.15
CA ARG A 336 -20.86 6.06 -11.89
C ARG A 336 -20.79 5.85 -13.43
N ALA A 337 -20.03 4.84 -13.87
CA ALA A 337 -19.91 4.61 -15.32
C ALA A 337 -21.27 4.31 -15.94
N LEU A 338 -22.25 3.87 -15.13
CA LEU A 338 -23.67 3.70 -15.63
C LEU A 338 -24.25 5.01 -16.22
N PHE A 339 -23.75 6.14 -15.77
CA PHE A 339 -24.40 7.43 -16.13
C PHE A 339 -23.66 8.27 -17.14
N LEU A 340 -22.63 7.70 -17.70
CA LEU A 340 -21.78 8.37 -18.63
C LEU A 340 -21.95 7.77 -19.99
N ASP A 341 -22.13 8.63 -21.00
CA ASP A 341 -22.24 8.11 -22.41
C ASP A 341 -20.85 7.88 -23.02
N GLU A 342 -20.77 7.45 -24.28
CA GLU A 342 -19.48 7.14 -24.91
C GLU A 342 -18.53 8.31 -25.02
N ASP A 343 -19.02 9.53 -24.87
CA ASP A 343 -18.14 10.73 -24.85
C ASP A 343 -17.92 11.21 -23.43
N ASP A 344 -18.25 10.36 -22.45
CA ASP A 344 -18.07 10.67 -21.07
C ASP A 344 -18.91 11.79 -20.50
N GLN A 345 -20.03 12.10 -21.14
CA GLN A 345 -21.02 13.11 -20.65
C GLN A 345 -22.13 12.49 -19.81
N PHE A 346 -22.54 13.21 -18.76
CA PHE A 346 -23.52 12.66 -17.86
C PHE A 346 -24.87 12.55 -18.62
N ILE A 347 -25.50 11.40 -18.57
CA ILE A 347 -26.78 11.13 -19.26
C ILE A 347 -27.95 11.66 -18.42
N PRO A 348 -28.84 12.47 -19.02
CA PRO A 348 -30.03 12.91 -18.34
C PRO A 348 -30.90 11.72 -17.88
N TYR A 349 -31.53 11.87 -16.73
CA TYR A 349 -32.26 10.73 -16.13
C TYR A 349 -33.33 10.11 -17.09
N LYS A 350 -34.00 10.95 -17.83
CA LYS A 350 -35.06 10.41 -18.69
C LYS A 350 -34.58 9.79 -19.94
N ASN A 351 -33.31 9.96 -20.27
CA ASN A 351 -32.71 9.23 -21.39
C ASN A 351 -32.00 7.94 -20.97
N LEU A 352 -32.04 7.67 -19.67
CA LEU A 352 -31.19 6.60 -19.11
C LEU A 352 -31.58 5.22 -19.59
N GLN A 353 -32.86 4.89 -19.49
CA GLN A 353 -33.33 3.59 -20.03
C GLN A 353 -33.09 3.43 -21.51
N LYS A 354 -33.26 4.50 -22.26
CA LYS A 354 -32.97 4.43 -23.71
C LYS A 354 -31.46 4.15 -24.02
N VAL A 355 -30.56 4.91 -23.38
CA VAL A 355 -29.15 4.73 -23.59
C VAL A 355 -28.72 3.35 -23.14
N HIS A 356 -29.24 2.94 -21.99
CA HIS A 356 -28.91 1.60 -21.50
C HIS A 356 -29.36 0.49 -22.44
N ALA A 357 -30.54 0.66 -23.06
CA ALA A 357 -31.00 -0.31 -24.03
C ALA A 357 -30.13 -0.37 -25.28
N GLU A 358 -29.82 0.77 -25.85
CA GLU A 358 -28.89 0.91 -26.98
C GLU A 358 -27.50 0.32 -26.72
N ASN A 359 -26.99 0.41 -25.50
CA ASN A 359 -25.66 -0.11 -25.23
C ASN A 359 -25.71 -1.44 -24.52
N HIS A 360 -26.91 -2.04 -24.45
CA HIS A 360 -27.06 -3.43 -23.83
C HIS A 360 -26.54 -3.52 -22.40
N VAL A 361 -26.73 -2.46 -21.62
CA VAL A 361 -26.29 -2.44 -20.22
C VAL A 361 -27.19 -3.41 -19.39
N PHE A 362 -28.50 -3.38 -19.65
CA PHE A 362 -29.47 -4.26 -18.99
C PHE A 362 -30.17 -5.11 -20.05
N THR A 363 -30.48 -6.37 -19.75
CA THR A 363 -31.04 -7.28 -20.77
C THR A 363 -32.56 -7.02 -20.94
N GLU A 364 -33.22 -6.39 -19.96
CA GLU A 364 -34.63 -6.02 -20.09
C GLU A 364 -34.76 -4.55 -19.87
N ASP A 365 -35.69 -3.97 -20.61
CA ASP A 365 -35.91 -2.52 -20.54
C ASP A 365 -36.85 -2.15 -19.38
N LYS A 366 -36.28 -1.96 -18.20
CA LYS A 366 -37.08 -1.58 -17.03
C LYS A 366 -36.29 -0.59 -16.21
N GLU A 367 -36.92 -0.03 -15.19
CA GLU A 367 -36.25 0.90 -14.30
C GLU A 367 -35.41 0.13 -13.29
N TYR A 368 -34.09 0.30 -13.35
CA TYR A 368 -33.18 -0.36 -12.34
C TYR A 368 -32.60 0.63 -11.39
N ILE A 369 -32.42 1.87 -11.87
CA ILE A 369 -31.78 2.88 -11.08
C ILE A 369 -32.82 3.79 -10.43
N LYS A 370 -32.88 3.79 -9.11
CA LYS A 370 -33.77 4.75 -8.38
C LYS A 370 -33.37 6.20 -8.69
N PRO A 371 -34.36 7.09 -8.75
CA PRO A 371 -34.09 8.52 -9.04
C PRO A 371 -33.19 9.16 -7.99
N GLU A 372 -33.36 8.81 -6.71
CA GLU A 372 -32.50 9.38 -5.63
C GLU A 372 -31.04 8.85 -5.70
N VAL A 373 -30.85 7.67 -6.29
CA VAL A 373 -29.49 7.10 -6.55
C VAL A 373 -28.81 7.85 -7.72
N TYR A 374 -29.54 8.06 -8.79
CA TYR A 374 -29.10 8.90 -9.93
C TYR A 374 -28.68 10.30 -9.42
N ALA A 375 -29.54 10.94 -8.61
CA ALA A 375 -29.33 12.32 -8.16
C ALA A 375 -28.03 12.33 -7.31
N ALA A 376 -27.87 11.31 -6.48
CA ALA A 376 -26.69 11.24 -5.64
C ALA A 376 -25.40 11.12 -6.50
N TYR A 377 -25.38 10.22 -7.52
CA TYR A 377 -24.18 10.04 -8.30
C TYR A 377 -23.90 11.34 -9.11
N LYS A 378 -24.94 12.00 -9.52
CA LYS A 378 -24.74 13.23 -10.36
C LYS A 378 -23.99 14.28 -9.54
N ALA A 379 -24.22 14.32 -8.23
CA ALA A 379 -23.64 15.34 -7.37
C ALA A 379 -22.18 15.03 -6.96
N PHE A 380 -21.61 13.89 -7.39
CA PHE A 380 -20.20 13.53 -7.02
C PHE A 380 -19.23 14.64 -7.40
N ASP A 381 -19.52 15.40 -8.47
CA ASP A 381 -18.52 16.34 -8.91
C ASP A 381 -18.39 17.57 -8.01
N GLN A 382 -19.25 17.65 -7.01
CA GLN A 382 -19.22 18.75 -6.03
C GLN A 382 -18.42 18.38 -4.79
N ALA A 383 -18.10 17.09 -4.61
CA ALA A 383 -17.20 16.71 -3.49
C ALA A 383 -15.78 17.10 -3.72
N GLU A 384 -15.10 17.49 -2.65
CA GLU A 384 -13.67 17.79 -2.71
C GLU A 384 -12.84 16.56 -3.04
N SER A 385 -13.22 15.40 -2.49
CA SER A 385 -12.46 14.24 -2.81
C SER A 385 -13.34 12.97 -2.67
N ILE A 386 -12.89 11.92 -3.36
CA ILE A 386 -13.63 10.68 -3.55
C ILE A 386 -12.71 9.48 -3.44
N THR A 387 -13.08 8.50 -2.60
CA THR A 387 -12.37 7.27 -2.58
C THR A 387 -13.06 6.26 -3.52
N ILE A 388 -12.28 5.46 -4.25
CA ILE A 388 -12.79 4.48 -5.23
C ILE A 388 -11.80 3.33 -5.28
N ASP A 389 -12.26 2.07 -5.14
CA ASP A 389 -11.34 0.92 -5.10
C ASP A 389 -11.37 0.07 -6.36
N PRO A 390 -10.31 0.11 -7.18
CA PRO A 390 -10.33 -0.79 -8.36
C PRO A 390 -10.49 -2.25 -7.94
N HIS A 391 -9.93 -2.62 -6.79
CA HIS A 391 -10.08 -4.05 -6.33
C HIS A 391 -11.39 -4.40 -5.70
N LYS A 392 -12.33 -3.46 -5.59
CA LYS A 392 -13.69 -3.97 -5.40
C LYS A 392 -14.42 -4.03 -6.71
N MET A 393 -15.29 -3.05 -6.98
CA MET A 393 -16.16 -3.14 -8.18
C MET A 393 -15.39 -2.76 -9.47
N GLY A 394 -14.07 -2.63 -9.37
CA GLY A 394 -13.29 -2.39 -10.59
C GLY A 394 -12.85 -3.67 -11.16
N TYR A 395 -13.00 -4.77 -10.34
CA TYR A 395 -12.55 -6.11 -10.74
C TYR A 395 -11.09 -6.11 -11.10
N VAL A 396 -10.29 -5.36 -10.36
CA VAL A 396 -8.82 -5.47 -10.56
C VAL A 396 -8.26 -6.23 -9.32
N PRO A 397 -7.16 -6.99 -9.48
CA PRO A 397 -6.68 -7.82 -8.36
C PRO A 397 -6.25 -6.93 -7.19
N TYR A 398 -6.45 -7.43 -5.98
CA TYR A 398 -5.80 -6.79 -4.82
C TYR A 398 -4.30 -6.66 -5.09
N SER A 399 -3.65 -5.61 -4.59
CA SER A 399 -4.27 -4.59 -3.79
C SER A 399 -4.19 -3.28 -4.63
N ALA A 400 -5.33 -2.63 -4.84
CA ALA A 400 -5.38 -1.35 -5.62
C ALA A 400 -6.61 -0.55 -5.11
N GLY A 401 -6.39 0.49 -4.33
CA GLY A 401 -7.38 1.50 -3.94
C GLY A 401 -7.22 2.73 -4.88
N GLY A 402 -8.00 3.75 -4.63
CA GLY A 402 -7.91 5.00 -5.48
C GLY A 402 -8.42 6.16 -4.70
N ILE A 403 -7.93 7.36 -5.08
CA ILE A 403 -8.44 8.57 -4.52
C ILE A 403 -8.49 9.58 -5.68
N VAL A 404 -9.56 10.35 -5.69
CA VAL A 404 -9.75 11.39 -6.74
C VAL A 404 -9.97 12.69 -6.01
N ILE A 405 -9.38 13.79 -6.54
CA ILE A 405 -9.54 15.13 -5.94
C ILE A 405 -10.14 16.09 -6.94
N GLN A 406 -10.93 17.01 -6.44
CA GLN A 406 -11.80 17.76 -7.30
C GLN A 406 -10.94 18.79 -8.10
N ASP A 407 -9.84 19.25 -7.50
CA ASP A 407 -9.03 20.36 -8.10
C ASP A 407 -7.61 19.90 -7.90
N ILE A 408 -6.89 19.69 -9.00
CA ILE A 408 -5.48 19.32 -8.99
C ILE A 408 -4.60 20.17 -8.05
N ARG A 409 -4.93 21.46 -7.88
CA ARG A 409 -4.17 22.32 -7.03
C ARG A 409 -4.10 21.83 -5.59
N MET A 410 -5.09 21.07 -5.18
CA MET A 410 -5.16 20.59 -3.81
C MET A 410 -3.92 19.79 -3.43
N ARG A 411 -3.35 19.10 -4.41
CA ARG A 411 -2.18 18.26 -4.09
C ARG A 411 -1.00 19.04 -3.51
N ASP A 412 -0.90 20.33 -3.87
CA ASP A 412 0.16 21.16 -3.29
C ASP A 412 0.00 21.37 -1.76
N THR A 413 -1.19 21.15 -1.20
CA THR A 413 -1.37 21.25 0.25
C THR A 413 -0.76 20.09 1.05
N ILE A 414 -0.49 18.97 0.38
CA ILE A 414 0.06 17.86 1.17
C ILE A 414 1.42 17.46 0.63
N SER A 415 1.91 18.15 -0.39
CA SER A 415 3.13 17.68 -1.12
C SER A 415 4.45 17.93 -0.37
N TYR A 416 5.49 17.17 -0.72
CA TYR A 416 6.85 17.39 -0.20
C TYR A 416 7.84 17.40 -1.38
N PHE A 417 8.92 18.13 -1.28
CA PHE A 417 9.98 17.94 -2.31
C PHE A 417 11.35 17.45 -1.83
N ALA A 418 11.55 16.14 -2.01
CA ALA A 418 12.79 15.52 -1.64
C ALA A 418 13.31 14.76 -2.83
N GLY A 425 2.40 24.60 -13.27
CA GLY A 425 1.53 23.87 -14.17
C GLY A 425 1.28 22.49 -13.60
N ALA A 426 0.26 21.83 -14.12
CA ALA A 426 -0.16 20.54 -13.62
C ALA A 426 0.30 19.26 -14.35
N ASP A 427 1.58 19.18 -14.72
CA ASP A 427 2.10 17.98 -15.36
C ASP A 427 2.41 16.90 -14.36
N ILE A 428 2.70 15.73 -14.88
CA ILE A 428 3.03 14.55 -14.11
C ILE A 428 4.19 14.76 -13.15
N PRO A 429 3.97 14.44 -11.90
CA PRO A 429 4.98 14.63 -10.87
C PRO A 429 6.24 13.92 -11.20
N ALA A 430 7.38 14.46 -10.83
CA ALA A 430 8.66 13.82 -11.09
C ALA A 430 8.91 12.81 -9.99
N LEU A 431 8.22 13.01 -8.89
CA LEU A 431 8.28 12.17 -7.75
C LEU A 431 6.86 12.04 -7.17
N LEU A 432 5.98 11.30 -7.89
CA LEU A 432 4.65 10.98 -7.42
C LEU A 432 4.71 10.83 -5.95
N GLY A 433 5.82 10.28 -5.46
CA GLY A 433 5.97 9.98 -4.06
C GLY A 433 5.89 11.26 -3.20
N ALA A 434 6.06 12.39 -3.86
CA ALA A 434 5.94 13.67 -3.15
C ALA A 434 4.51 14.22 -3.17
N TYR A 435 3.57 13.60 -3.90
CA TYR A 435 2.19 14.08 -3.93
C TYR A 435 1.23 13.12 -3.31
N ILE A 436 1.73 12.11 -2.59
CA ILE A 436 0.82 11.04 -2.16
C ILE A 436 1.13 10.72 -0.69
N LEU A 437 0.23 10.00 -0.08
CA LEU A 437 0.44 9.66 1.35
C LEU A 437 1.49 8.54 1.49
N GLU A 438 1.43 7.55 0.61
CA GLU A 438 2.37 6.39 0.72
C GLU A 438 3.75 6.60 0.11
N GLY A 439 4.58 5.56 0.04
CA GLY A 439 5.91 5.65 -0.57
C GLY A 439 6.02 4.80 -1.86
N SER A 440 7.00 3.88 -1.94
CA SER A 440 7.11 2.98 -3.09
C SER A 440 5.82 2.23 -3.43
N LYS A 441 5.57 2.05 -4.71
CA LYS A 441 4.33 1.44 -5.20
C LYS A 441 4.62 0.75 -6.53
N ALA A 442 4.02 -0.42 -6.73
CA ALA A 442 4.32 -1.22 -7.93
C ALA A 442 3.83 -0.48 -9.17
N GLY A 443 4.71 -0.34 -10.14
CA GLY A 443 4.20 0.03 -11.49
C GLY A 443 3.28 -0.99 -12.09
N ALA A 444 3.38 -2.26 -11.64
CA ALA A 444 2.48 -3.33 -12.13
C ALA A 444 1.05 -3.09 -11.76
N THR A 445 0.82 -2.42 -10.63
CA THR A 445 -0.55 -2.16 -10.21
C THR A 445 -1.15 -1.11 -11.17
N ALA A 446 -0.34 -0.12 -11.55
CA ALA A 446 -0.86 0.90 -12.51
C ALA A 446 -1.16 0.27 -13.91
N ALA A 447 -0.31 -0.61 -14.36
CA ALA A 447 -0.52 -1.36 -15.59
C ALA A 447 -1.79 -2.18 -15.56
N SER A 448 -2.05 -2.79 -14.42
CA SER A 448 -3.20 -3.64 -14.27
C SER A 448 -4.52 -2.79 -14.34
N VAL A 449 -4.54 -1.68 -13.65
CA VAL A 449 -5.75 -0.83 -13.65
C VAL A 449 -5.87 -0.22 -15.08
N TRP A 450 -4.74 0.25 -15.60
CA TRP A 450 -4.77 0.87 -16.95
C TRP A 450 -5.38 -0.10 -17.99
N ALA A 451 -4.91 -1.32 -17.99
CA ALA A 451 -5.40 -2.35 -18.91
C ALA A 451 -6.88 -2.64 -18.70
N ALA A 452 -7.34 -2.76 -17.40
CA ALA A 452 -8.79 -2.83 -17.14
C ALA A 452 -9.57 -1.68 -17.78
N HIS A 453 -9.15 -0.44 -17.48
CA HIS A 453 -9.85 0.81 -17.97
C HIS A 453 -9.83 0.93 -19.48
N HIS A 454 -8.83 0.36 -20.13
CA HIS A 454 -8.76 0.54 -21.63
C HIS A 454 -9.48 -0.61 -22.31
N THR A 455 -9.58 -1.73 -21.62
CA THR A 455 -10.42 -2.76 -22.16
C THR A 455 -11.90 -2.37 -21.97
N LEU A 456 -12.23 -1.75 -20.84
CA LEU A 456 -13.63 -1.42 -20.48
C LEU A 456 -13.67 0.03 -20.08
N PRO A 457 -14.00 0.92 -21.02
CA PRO A 457 -13.97 2.34 -20.69
C PRO A 457 -14.95 2.65 -19.57
N LEU A 458 -14.66 3.70 -18.80
CA LEU A 458 -15.47 4.02 -17.60
C LEU A 458 -16.79 4.77 -18.01
N ASN A 459 -17.64 4.09 -18.79
CA ASN A 459 -18.91 4.69 -19.24
C ASN A 459 -19.78 3.55 -19.70
N VAL A 460 -20.94 3.85 -20.34
CA VAL A 460 -21.86 2.79 -20.69
C VAL A 460 -21.26 1.76 -21.67
N THR A 461 -20.23 2.13 -22.41
CA THR A 461 -19.73 1.19 -23.39
C THR A 461 -18.89 0.11 -22.75
N GLY A 462 -18.41 0.38 -21.53
CA GLY A 462 -17.45 -0.52 -20.88
C GLY A 462 -17.94 -1.01 -19.53
N TYR A 463 -17.50 -0.31 -18.49
CA TYR A 463 -17.88 -0.65 -17.12
C TYR A 463 -19.38 -0.60 -16.83
N GLY A 464 -20.08 0.31 -17.53
CA GLY A 464 -21.55 0.32 -17.47
C GLY A 464 -22.18 -1.06 -17.62
N LYS A 465 -21.70 -1.84 -18.61
CA LYS A 465 -22.19 -3.20 -18.83
C LYS A 465 -21.90 -4.19 -17.69
N LEU A 466 -20.71 -4.08 -17.11
CA LEU A 466 -20.28 -4.95 -16.07
C LEU A 466 -21.04 -4.57 -14.76
N GLU A 467 -21.17 -3.27 -14.49
CA GLU A 467 -21.84 -2.81 -13.25
C GLU A 467 -23.33 -3.10 -13.42
N GLY A 468 -23.80 -2.94 -14.66
CA GLY A 468 -25.19 -3.25 -15.01
C GLY A 468 -25.59 -4.71 -14.82
N ALA A 469 -24.69 -5.57 -15.19
CA ALA A 469 -24.95 -7.04 -15.14
C ALA A 469 -25.03 -7.46 -13.65
N SER A 470 -24.18 -6.86 -12.84
CA SER A 470 -24.22 -7.08 -11.41
C SER A 470 -25.54 -6.60 -10.81
N ILE A 471 -25.92 -5.38 -11.14
CA ILE A 471 -27.17 -4.77 -10.63
C ILE A 471 -28.45 -5.56 -11.03
N GLU A 472 -28.44 -6.07 -12.25
CA GLU A 472 -29.62 -6.72 -12.81
C GLU A 472 -29.69 -8.09 -12.10
N GLY A 473 -28.55 -8.77 -11.95
CA GLY A 473 -28.50 -10.02 -11.15
C GLY A 473 -29.02 -9.82 -9.70
N ALA A 474 -28.64 -8.70 -9.06
CA ALA A 474 -29.10 -8.40 -7.71
C ALA A 474 -30.60 -8.23 -7.70
N HIS A 475 -31.14 -7.59 -8.73
CA HIS A 475 -32.59 -7.39 -8.82
C HIS A 475 -33.36 -8.72 -9.05
N ARG A 476 -32.85 -9.60 -9.90
CA ARG A 476 -33.46 -10.93 -10.08
C ARG A 476 -33.49 -11.69 -8.76
N TYR A 477 -32.40 -11.60 -8.02
CA TYR A 477 -32.30 -12.27 -6.70
C TYR A 477 -33.32 -11.66 -5.76
N TYR A 478 -33.42 -10.34 -5.77
CA TYR A 478 -34.36 -9.65 -4.92
C TYR A 478 -35.81 -10.08 -5.22
N ASP A 479 -36.18 -10.10 -6.50
CA ASP A 479 -37.54 -10.42 -6.93
C ASP A 479 -37.88 -11.86 -6.57
N PHE A 480 -36.93 -12.77 -6.75
CA PHE A 480 -37.09 -14.19 -6.36
C PHE A 480 -37.34 -14.34 -4.87
N LEU A 481 -36.72 -13.48 -4.05
CA LEU A 481 -36.76 -13.66 -2.61
C LEU A 481 -38.06 -13.13 -2.06
N LYS A 482 -38.56 -12.11 -2.73
CA LYS A 482 -39.72 -11.38 -2.25
C LYS A 482 -40.91 -12.28 -1.94
N ASN A 483 -41.20 -13.27 -2.75
CA ASN A 483 -42.36 -14.02 -2.29
C ASN A 483 -42.14 -15.49 -2.04
N LEU A 484 -41.11 -15.74 -1.27
CA LEU A 484 -40.68 -17.06 -1.13
C LEU A 484 -41.30 -17.50 0.18
N LYS A 485 -42.03 -18.64 0.16
CA LYS A 485 -42.60 -19.27 1.39
C LYS A 485 -42.20 -20.74 1.49
N PHE A 486 -41.97 -21.24 2.70
CA PHE A 486 -41.55 -22.62 2.97
C PHE A 486 -42.38 -23.25 4.11
N GLU A 487 -42.55 -24.57 4.03
CA GLU A 487 -43.27 -25.36 5.04
C GLU A 487 -42.28 -26.35 5.58
N VAL A 488 -41.88 -26.18 6.82
CA VAL A 488 -40.89 -27.10 7.42
C VAL A 488 -41.44 -27.60 8.73
N ALA A 489 -41.38 -28.92 8.97
CA ALA A 489 -41.67 -29.51 10.30
C ALA A 489 -42.92 -28.89 10.92
N GLY A 490 -43.93 -28.64 10.09
CA GLY A 490 -45.22 -28.13 10.53
C GLY A 490 -45.29 -26.62 10.56
N LYS A 491 -44.13 -25.97 10.47
CA LYS A 491 -44.06 -24.52 10.64
C LYS A 491 -44.07 -23.87 9.27
N ARG A 492 -44.56 -22.64 9.25
CA ARG A 492 -44.61 -21.85 8.05
C ARG A 492 -43.55 -20.73 8.09
N ILE A 493 -42.62 -20.73 7.14
CA ILE A 493 -41.46 -19.79 7.15
C ILE A 493 -41.45 -18.93 5.88
N SER A 494 -41.43 -17.62 6.03
CA SER A 494 -41.34 -16.69 4.91
C SER A 494 -39.96 -16.02 4.80
N VAL A 495 -39.69 -15.50 3.61
CA VAL A 495 -38.51 -14.68 3.36
C VAL A 495 -38.94 -13.24 3.35
N HIS A 496 -38.21 -12.36 4.05
CA HIS A 496 -38.54 -10.92 4.04
C HIS A 496 -37.28 -10.12 3.65
N PRO A 497 -37.22 -9.69 2.38
CA PRO A 497 -36.13 -8.79 1.92
C PRO A 497 -36.10 -7.51 2.72
N LEU A 498 -34.90 -7.07 3.11
CA LEU A 498 -34.74 -5.85 3.89
C LEU A 498 -35.31 -4.64 3.18
N ILE A 499 -34.79 -4.37 1.95
CA ILE A 499 -35.16 -3.18 1.17
C ILE A 499 -34.83 -3.49 -0.28
N SER A 500 -35.47 -2.84 -1.25
CA SER A 500 -35.06 -3.03 -2.65
C SER A 500 -33.68 -2.33 -2.79
N PRO A 501 -32.76 -2.96 -3.54
CA PRO A 501 -31.33 -2.60 -3.37
C PRO A 501 -31.03 -1.26 -4.06
N ASP A 502 -30.28 -0.37 -3.41
CA ASP A 502 -29.78 0.87 -4.07
C ASP A 502 -28.77 0.52 -5.21
N PHE A 503 -28.10 -0.60 -5.05
CA PHE A 503 -26.93 -0.98 -5.84
C PHE A 503 -27.00 -2.51 -6.08
N ASN A 504 -26.05 -3.31 -5.59
CA ASN A 504 -26.06 -4.72 -5.92
C ASN A 504 -26.03 -5.65 -4.68
N MET A 505 -26.28 -5.10 -3.50
CA MET A 505 -26.31 -5.92 -2.26
C MET A 505 -27.75 -6.18 -1.90
N VAL A 506 -28.03 -7.43 -1.53
CA VAL A 506 -29.41 -7.83 -1.28
C VAL A 506 -29.42 -8.58 0.05
N ASP A 507 -30.26 -8.11 0.96
CA ASP A 507 -30.33 -8.59 2.34
C ASP A 507 -31.74 -9.10 2.68
N TYR A 508 -31.83 -10.12 3.52
CA TYR A 508 -33.16 -10.60 3.90
C TYR A 508 -33.12 -11.33 5.26
N VAL A 509 -34.31 -11.58 5.82
CA VAL A 509 -34.41 -12.50 6.98
C VAL A 509 -35.39 -13.59 6.66
N LEU A 510 -35.17 -14.75 7.28
CA LEU A 510 -36.22 -15.79 7.36
C LEU A 510 -36.98 -15.61 8.66
N LYS A 511 -38.30 -15.75 8.62
CA LYS A 511 -39.10 -15.65 9.85
C LYS A 511 -40.23 -16.71 9.86
N GLU A 512 -40.37 -17.41 10.99
CA GLU A 512 -41.53 -18.26 11.22
C GLU A 512 -42.78 -17.37 11.32
N ASP A 513 -43.79 -17.62 10.48
CA ASP A 513 -45.04 -16.79 10.50
C ASP A 513 -45.72 -16.82 11.89
N GLY A 514 -46.26 -15.69 12.33
CA GLY A 514 -46.89 -15.60 13.66
C GLY A 514 -45.98 -15.55 14.88
N ASN A 515 -44.78 -16.11 14.83
CA ASN A 515 -43.82 -16.03 15.94
C ASN A 515 -43.23 -14.59 16.09
N ASP A 516 -43.44 -13.95 17.27
CA ASP A 516 -42.90 -12.56 17.61
C ASP A 516 -41.68 -12.53 18.43
N ASP A 517 -41.03 -13.66 18.65
CA ASP A 517 -39.81 -13.66 19.42
C ASP A 517 -38.63 -13.29 18.48
N LEU A 518 -38.14 -12.04 18.59
CA LEU A 518 -37.05 -11.56 17.73
C LEU A 518 -35.81 -12.32 18.05
N ILE A 519 -35.60 -12.67 19.33
CA ILE A 519 -34.49 -13.58 19.70
C ILE A 519 -34.54 -14.90 18.91
N GLU A 520 -35.74 -15.43 18.73
CA GLU A 520 -35.90 -16.72 18.03
C GLU A 520 -35.64 -16.55 16.52
N MET A 521 -36.23 -15.51 15.93
CA MET A 521 -35.92 -15.14 14.52
C MET A 521 -34.39 -15.01 14.31
N ASN A 522 -33.70 -14.26 15.19
CA ASN A 522 -32.23 -14.20 15.18
C ASN A 522 -31.52 -15.55 15.22
N ARG A 523 -31.99 -16.40 16.13
CA ARG A 523 -31.41 -17.67 16.22
C ARG A 523 -31.71 -18.54 14.95
N LEU A 524 -32.89 -18.36 14.35
CA LEU A 524 -33.18 -19.06 13.07
C LEU A 524 -32.19 -18.67 11.95
N ASN A 525 -31.99 -17.37 11.78
CA ASN A 525 -31.11 -16.90 10.72
C ASN A 525 -29.65 -17.29 10.91
N HIS A 526 -29.19 -17.28 12.15
CA HIS A 526 -27.84 -17.76 12.44
C HIS A 526 -27.64 -19.21 12.05
N ALA A 527 -28.62 -20.04 12.45
CA ALA A 527 -28.52 -21.48 12.21
C ALA A 527 -28.62 -21.76 10.70
N PHE A 528 -29.48 -20.98 10.06
CA PHE A 528 -29.60 -21.13 8.65
C PHE A 528 -28.26 -20.81 8.00
N TYR A 529 -27.61 -19.76 8.52
CA TYR A 529 -26.35 -19.35 7.90
C TYR A 529 -25.32 -20.48 8.06
N GLU A 530 -25.32 -21.13 9.22
CA GLU A 530 -24.39 -22.22 9.45
C GLU A 530 -24.59 -23.37 8.51
N GLN A 531 -25.85 -23.65 8.15
CA GLN A 531 -26.12 -24.70 7.15
C GLN A 531 -25.71 -24.29 5.74
N ALA A 532 -25.96 -23.04 5.35
CA ALA A 532 -25.62 -22.55 4.00
C ALA A 532 -24.28 -21.84 3.93
N SER A 533 -23.23 -22.46 4.47
CA SER A 533 -21.88 -21.91 4.36
C SER A 533 -20.88 -23.03 4.33
N TYR A 534 -19.66 -22.71 3.90
CA TYR A 534 -18.58 -23.70 3.86
C TYR A 534 -17.81 -23.63 5.16
N VAL A 535 -17.03 -24.67 5.41
CA VAL A 535 -16.04 -24.65 6.49
C VAL A 535 -14.67 -24.93 5.84
N LYS A 536 -13.58 -24.62 6.52
CA LYS A 536 -12.23 -24.95 6.01
C LYS A 536 -12.15 -26.46 5.75
N GLY A 537 -11.79 -26.84 4.52
CA GLY A 537 -11.71 -28.25 4.15
C GLY A 537 -12.98 -28.84 3.52
N SER A 538 -14.00 -28.01 3.28
CA SER A 538 -15.22 -28.45 2.58
C SER A 538 -14.93 -28.92 1.15
N LEU A 539 -15.46 -30.10 0.81
CA LEU A 539 -15.28 -30.68 -0.53
C LEU A 539 -16.63 -30.97 -1.18
N TYR A 540 -17.67 -31.15 -0.37
CA TYR A 540 -19.02 -31.30 -0.90
C TYR A 540 -19.57 -29.94 -1.29
N GLY A 541 -19.78 -29.78 -2.60
CA GLY A 541 -20.27 -28.54 -3.17
C GLY A 541 -21.67 -28.29 -2.65
N LYS A 542 -21.91 -27.06 -2.21
CA LYS A 542 -23.21 -26.72 -1.73
C LYS A 542 -23.97 -26.08 -2.86
N GLU A 543 -25.28 -26.27 -2.80
CA GLU A 543 -26.18 -25.75 -3.79
C GLU A 543 -26.41 -24.25 -3.54
N TYR A 544 -26.10 -23.82 -2.30
CA TYR A 544 -26.50 -22.50 -1.82
C TYR A 544 -25.61 -22.01 -0.68
N ILE A 545 -24.95 -20.87 -0.93
CA ILE A 545 -24.04 -20.29 0.06
C ILE A 545 -24.40 -18.85 0.31
N VAL A 546 -24.47 -18.50 1.59
CA VAL A 546 -24.82 -17.13 1.99
C VAL A 546 -23.82 -16.56 2.99
N SER A 547 -23.90 -15.24 3.20
CA SER A 547 -23.20 -14.57 4.30
C SER A 547 -24.20 -14.02 5.31
N HIS A 548 -23.71 -13.50 6.43
CA HIS A 548 -24.62 -12.96 7.42
C HIS A 548 -23.94 -11.83 8.18
N THR A 549 -24.73 -11.06 8.91
CA THR A 549 -24.21 -9.97 9.72
C THR A 549 -25.34 -9.60 10.66
N ASP A 550 -25.04 -8.84 11.71
CA ASP A 550 -26.00 -8.33 12.67
C ASP A 550 -26.18 -6.82 12.53
N PHE A 551 -27.41 -6.35 12.52
CA PHE A 551 -27.63 -4.94 12.65
C PHE A 551 -27.89 -4.71 14.13
N ALA A 552 -26.90 -4.22 14.87
CA ALA A 552 -27.03 -4.01 16.32
C ALA A 552 -27.24 -2.53 16.62
N ILE A 553 -28.01 -2.26 17.68
CA ILE A 553 -28.26 -0.88 18.16
C ILE A 553 -27.04 0.07 18.33
N PRO A 554 -25.90 -0.42 18.89
CA PRO A 554 -24.73 0.48 18.90
C PRO A 554 -24.34 1.08 17.52
N ASP A 555 -24.46 0.31 16.42
CA ASP A 555 -23.93 0.75 15.16
C ASP A 555 -25.09 1.32 14.37
N TYR A 556 -26.29 0.74 14.58
CA TYR A 556 -27.40 1.07 13.72
C TYR A 556 -28.46 1.98 14.30
N GLY A 557 -28.40 2.23 15.61
CA GLY A 557 -29.48 2.92 16.31
C GLY A 557 -30.85 2.28 16.05
N ASP A 558 -31.83 3.15 15.80
CA ASP A 558 -33.20 2.72 15.48
C ASP A 558 -33.50 2.61 13.97
N SER A 559 -32.44 2.68 13.14
CA SER A 559 -32.67 2.53 11.71
C SER A 559 -33.44 1.22 11.32
N PRO A 560 -33.15 0.05 11.97
CA PRO A 560 -33.94 -1.12 11.57
C PRO A 560 -35.34 -1.24 12.22
N LEU A 561 -35.77 -0.25 13.03
CA LEU A 561 -36.99 -0.37 13.84
C LEU A 561 -38.21 -0.49 12.93
N ALA A 562 -38.30 0.35 11.93
CA ALA A 562 -39.45 0.30 11.05
C ALA A 562 -39.54 -1.09 10.38
N PHE A 563 -38.40 -1.63 9.98
CA PHE A 563 -38.42 -2.91 9.32
C PHE A 563 -38.89 -4.02 10.27
N VAL A 564 -38.35 -4.05 11.47
CA VAL A 564 -38.68 -5.14 12.41
C VAL A 564 -40.14 -4.96 12.82
N GLU A 565 -40.63 -3.73 12.77
CA GLU A 565 -41.99 -3.46 13.23
C GLU A 565 -42.93 -3.89 12.14
N SER A 566 -42.47 -3.71 10.91
CA SER A 566 -43.23 -4.16 9.76
C SER A 566 -43.34 -5.69 9.75
N LEU A 567 -42.44 -6.39 10.43
CA LEU A 567 -42.60 -7.84 10.56
C LEU A 567 -43.53 -8.26 11.74
N GLY A 568 -43.84 -7.33 12.65
CA GLY A 568 -44.68 -7.64 13.81
C GLY A 568 -43.97 -7.65 15.15
N PHE A 569 -42.66 -7.41 15.19
CA PHE A 569 -41.99 -7.28 16.47
C PHE A 569 -42.34 -5.90 17.09
N SER A 570 -42.31 -5.80 18.41
CA SER A 570 -42.54 -4.55 19.13
C SER A 570 -41.21 -3.83 19.37
N GLU A 571 -41.28 -2.50 19.52
CA GLU A 571 -40.14 -1.76 20.06
C GLU A 571 -39.47 -2.43 21.28
N VAL A 572 -40.28 -2.91 22.23
CA VAL A 572 -39.74 -3.55 23.44
C VAL A 572 -38.91 -4.76 23.02
N GLU A 573 -39.47 -5.57 22.11
CA GLU A 573 -38.71 -6.72 21.56
C GLU A 573 -37.36 -6.29 20.97
N TRP A 574 -37.42 -5.25 20.13
CA TRP A 574 -36.21 -4.67 19.53
C TRP A 574 -35.12 -4.37 20.60
N ARG A 575 -35.51 -3.64 21.65
CA ARG A 575 -34.60 -3.30 22.77
C ARG A 575 -34.10 -4.52 23.53
N HIS A 576 -34.95 -5.54 23.69
CA HIS A 576 -34.52 -6.74 24.39
C HIS A 576 -33.46 -7.50 23.59
N ALA A 577 -33.68 -7.60 22.28
CA ALA A 577 -32.76 -8.35 21.43
C ALA A 577 -31.56 -7.49 21.12
N GLY A 578 -31.80 -6.20 20.87
CA GLY A 578 -30.76 -5.19 20.64
C GLY A 578 -30.09 -5.32 19.30
N LYS A 579 -30.62 -6.18 18.42
CA LYS A 579 -29.99 -6.50 17.10
C LYS A 579 -30.94 -7.35 16.27
N VAL A 580 -30.75 -7.35 14.95
CA VAL A 580 -31.47 -8.28 14.03
C VAL A 580 -30.42 -8.90 13.11
N THR A 581 -30.45 -10.23 13.00
CA THR A 581 -29.47 -10.95 12.22
C THR A 581 -30.00 -10.96 10.78
N ILE A 582 -29.08 -10.72 9.84
CA ILE A 582 -29.43 -10.47 8.44
C ILE A 582 -28.66 -11.44 7.56
N ILE A 583 -29.32 -12.02 6.55
CA ILE A 583 -28.62 -12.85 5.56
C ILE A 583 -28.23 -11.87 4.42
N ARG A 584 -26.94 -11.88 4.05
CA ARG A 584 -26.30 -10.93 3.12
C ARG A 584 -25.77 -11.59 1.83
N ALA A 585 -25.88 -10.81 0.74
CA ALA A 585 -25.36 -11.14 -0.56
C ALA A 585 -24.81 -9.83 -1.22
N SER A 586 -23.59 -9.90 -1.75
CA SER A 586 -23.07 -8.84 -2.63
C SER A 586 -22.99 -9.48 -3.98
N VAL A 587 -23.95 -9.14 -4.83
CA VAL A 587 -24.01 -9.86 -6.12
C VAL A 587 -22.98 -9.22 -7.05
N MET A 588 -21.78 -9.81 -7.12
CA MET A 588 -20.72 -9.19 -7.93
C MET A 588 -20.50 -9.92 -9.27
N THR A 589 -20.98 -11.16 -9.36
CA THR A 589 -20.88 -11.94 -10.59
C THR A 589 -21.63 -11.22 -11.72
N PRO A 590 -21.10 -11.30 -12.93
CA PRO A 590 -21.81 -10.75 -14.09
C PRO A 590 -22.79 -11.75 -14.73
N TYR A 591 -22.69 -13.04 -14.39
CA TYR A 591 -23.49 -14.11 -15.06
C TYR A 591 -24.98 -14.29 -14.73
N MET A 592 -25.47 -13.60 -13.71
CA MET A 592 -26.85 -13.76 -13.30
C MET A 592 -27.73 -12.69 -13.90
N ASN A 593 -27.19 -11.83 -14.78
CA ASN A 593 -28.06 -10.82 -15.39
C ASN A 593 -29.08 -11.50 -16.38
N GLN A 594 -28.68 -12.60 -17.00
CA GLN A 594 -29.54 -13.28 -17.98
C GLN A 594 -30.64 -14.09 -17.31
N ARG A 595 -31.87 -13.87 -17.79
CA ARG A 595 -33.08 -14.60 -17.34
C ARG A 595 -32.80 -16.11 -17.34
N GLU A 596 -32.32 -16.60 -18.48
CA GLU A 596 -32.04 -17.99 -18.70
C GLU A 596 -31.20 -18.54 -17.60
N ASN A 597 -30.06 -17.87 -17.33
CA ASN A 597 -29.13 -18.36 -16.32
C ASN A 597 -29.75 -18.36 -14.94
N PHE A 598 -30.42 -17.26 -14.60
CA PHE A 598 -30.98 -17.15 -13.29
C PHE A 598 -32.11 -18.19 -13.08
N ASP A 599 -32.98 -18.36 -14.09
CA ASP A 599 -34.17 -19.23 -13.99
C ASP A 599 -33.77 -20.67 -13.77
N TYR A 600 -32.60 -21.04 -14.27
CA TYR A 600 -32.08 -22.35 -14.03
C TYR A 600 -31.80 -22.58 -12.56
N PHE A 601 -31.25 -21.57 -11.88
CA PHE A 601 -30.90 -21.73 -10.48
C PHE A 601 -32.03 -21.48 -9.49
N ALA A 602 -33.07 -20.76 -9.88
CA ALA A 602 -34.09 -20.35 -8.93
C ALA A 602 -34.72 -21.59 -8.20
N PRO A 603 -35.30 -22.56 -8.96
CA PRO A 603 -35.86 -23.73 -8.28
C PRO A 603 -34.82 -24.47 -7.48
N ARG A 604 -33.58 -24.49 -7.95
CA ARG A 604 -32.51 -25.20 -7.19
C ARG A 604 -32.12 -24.52 -5.88
N ILE A 605 -32.14 -23.19 -5.89
CA ILE A 605 -31.92 -22.41 -4.67
C ILE A 605 -33.07 -22.73 -3.68
N LYS A 606 -34.31 -22.69 -4.16
CA LYS A 606 -35.49 -22.91 -3.34
C LYS A 606 -35.42 -24.30 -2.70
N LYS A 607 -34.99 -25.27 -3.49
CA LYS A 607 -34.79 -26.62 -2.96
C LYS A 607 -33.75 -26.63 -1.91
N ALA A 608 -32.63 -25.95 -2.16
CA ALA A 608 -31.58 -25.92 -1.14
C ALA A 608 -31.99 -25.23 0.19
N ILE A 609 -32.83 -24.20 0.10
CA ILE A 609 -33.27 -23.43 1.29
C ILE A 609 -34.17 -24.34 2.10
N GLN A 610 -35.12 -24.99 1.44
CA GLN A 610 -36.00 -26.01 2.07
C GLN A 610 -35.16 -27.10 2.80
N ALA A 611 -34.24 -27.74 2.11
CA ALA A 611 -33.37 -28.72 2.78
C ALA A 611 -32.57 -28.17 3.98
N ASP A 612 -32.13 -26.91 3.90
CA ASP A 612 -31.35 -26.28 4.98
C ASP A 612 -32.22 -26.04 6.21
N LEU A 613 -33.42 -25.52 5.98
CA LEU A 613 -34.43 -25.34 7.03
C LEU A 613 -34.83 -26.66 7.73
N GLU A 614 -35.00 -27.71 6.93
CA GLU A 614 -35.25 -29.05 7.50
C GLU A 614 -34.16 -29.46 8.45
N LYS A 615 -32.90 -29.35 8.04
CA LYS A 615 -31.80 -29.64 8.97
C LYS A 615 -31.79 -28.75 10.21
N VAL A 616 -32.06 -27.46 10.03
CA VAL A 616 -32.08 -26.52 11.16
C VAL A 616 -33.06 -27.02 12.19
N TYR A 617 -34.26 -27.35 11.74
CA TYR A 617 -35.31 -27.79 12.62
C TYR A 617 -35.19 -29.25 13.11
N ALA A 618 -34.36 -30.06 12.46
CA ALA A 618 -34.02 -31.39 12.98
C ALA A 618 -32.78 -31.31 13.89
N LEU B 8 22.20 -26.24 2.93
CA LEU B 8 22.22 -25.46 1.66
C LEU B 8 23.60 -24.93 1.26
N LYS B 9 24.67 -25.63 1.66
CA LYS B 9 26.05 -25.12 1.45
C LYS B 9 26.39 -24.81 0.01
N ASP B 10 25.76 -25.53 -0.90
CA ASP B 10 26.00 -25.35 -2.33
C ASP B 10 24.84 -24.69 -3.01
N LEU B 11 24.00 -24.00 -2.25
CA LEU B 11 22.96 -23.18 -2.88
C LEU B 11 23.59 -22.27 -3.97
N ASP B 12 23.10 -22.34 -5.20
CA ASP B 12 23.64 -21.60 -6.35
C ASP B 12 22.68 -20.42 -6.64
N LEU B 13 23.14 -19.23 -6.31
CA LEU B 13 22.29 -18.05 -6.58
C LEU B 13 21.87 -17.91 -8.03
N ASN B 14 22.69 -18.37 -8.95
CA ASN B 14 22.42 -18.24 -10.43
C ASN B 14 21.12 -18.90 -10.83
N ALA B 15 20.66 -19.86 -10.05
CA ALA B 15 19.44 -20.57 -10.39
C ALA B 15 18.15 -19.84 -9.96
N LEU B 16 18.27 -18.78 -9.17
CA LEU B 16 17.09 -18.16 -8.50
C LEU B 16 16.61 -16.86 -9.18
N PHE B 17 17.22 -16.53 -10.28
CA PHE B 17 16.83 -15.28 -11.04
C PHE B 17 16.56 -15.61 -12.50
N ILE B 18 15.67 -14.86 -13.13
CA ILE B 18 15.46 -15.00 -14.56
C ILE B 18 16.75 -14.72 -15.29
N GLY B 19 17.50 -13.71 -14.82
CA GLY B 19 18.82 -13.38 -15.33
C GLY B 19 18.76 -12.08 -16.18
N ASP B 20 19.86 -11.37 -16.22
CA ASP B 20 19.95 -10.08 -17.01
C ASP B 20 19.60 -10.32 -18.46
N LYS B 21 19.89 -11.54 -18.99
CA LYS B 21 19.63 -11.80 -20.41
C LYS B 21 18.61 -12.89 -20.57
N ALA B 22 17.77 -13.04 -19.58
CA ALA B 22 16.75 -14.07 -19.53
C ALA B 22 17.34 -15.48 -19.76
N GLU B 23 18.52 -15.72 -19.21
CA GLU B 23 19.23 -17.01 -19.37
C GLU B 23 18.39 -18.14 -18.77
N ASN B 24 17.61 -17.85 -17.72
CA ASN B 24 16.73 -18.86 -17.10
C ASN B 24 15.26 -18.63 -17.41
N GLY B 25 14.99 -17.97 -18.54
CA GLY B 25 13.62 -17.71 -18.98
C GLY B 25 12.78 -19.02 -19.09
N GLN B 26 13.36 -20.07 -19.70
CA GLN B 26 12.56 -21.28 -19.96
C GLN B 26 12.15 -21.97 -18.63
N LEU B 27 13.05 -21.91 -17.68
CA LEU B 27 12.77 -22.46 -16.33
C LEU B 27 11.60 -21.72 -15.73
N TYR B 28 11.68 -20.38 -15.79
CA TYR B 28 10.62 -19.59 -15.26
C TYR B 28 9.32 -19.98 -15.97
N LYS B 29 9.30 -20.08 -17.28
CA LYS B 29 8.06 -20.40 -18.03
C LYS B 29 7.51 -21.81 -17.60
N ASP B 30 8.44 -22.77 -17.51
CA ASP B 30 8.03 -24.10 -17.13
C ASP B 30 7.36 -24.05 -15.77
N LEU B 31 7.99 -23.42 -14.79
CA LEU B 31 7.41 -23.39 -13.44
C LEU B 31 6.12 -22.60 -13.45
N LEU B 32 6.07 -21.50 -14.21
CA LEU B 32 4.85 -20.73 -14.20
C LEU B 32 3.69 -21.56 -14.79
N ASN B 33 3.93 -22.27 -15.88
CA ASN B 33 2.85 -23.00 -16.55
C ASN B 33 2.37 -24.13 -15.65
N LYS B 34 3.29 -24.72 -14.93
CA LYS B 34 2.90 -25.75 -14.01
C LYS B 34 1.96 -25.23 -12.89
N LEU B 35 2.36 -24.15 -12.24
CA LEU B 35 1.54 -23.49 -11.22
C LEU B 35 0.18 -23.00 -11.78
N VAL B 36 0.16 -22.42 -12.96
CA VAL B 36 -1.12 -21.95 -13.49
C VAL B 36 -2.03 -23.18 -13.82
N ASP B 37 -1.47 -24.21 -14.40
CA ASP B 37 -2.24 -25.48 -14.55
C ASP B 37 -2.84 -25.97 -13.23
N GLU B 38 -2.08 -25.87 -12.14
CA GLU B 38 -2.56 -26.34 -10.83
C GLU B 38 -3.71 -25.47 -10.40
N HIS B 39 -3.62 -24.15 -10.60
CA HIS B 39 -4.78 -23.33 -10.26
C HIS B 39 -6.02 -23.60 -11.12
N LEU B 40 -5.84 -23.73 -12.43
CA LEU B 40 -6.96 -23.92 -13.32
C LEU B 40 -7.65 -25.26 -13.03
N GLY B 41 -6.85 -26.30 -12.74
CA GLY B 41 -7.34 -27.64 -12.37
C GLY B 41 -8.18 -27.52 -11.12
N TRP B 42 -7.72 -26.67 -10.20
CA TRP B 42 -8.36 -26.47 -8.94
C TRP B 42 -9.72 -25.84 -9.11
N ARG B 43 -9.87 -24.85 -9.98
CA ARG B 43 -11.17 -24.25 -10.19
C ARG B 43 -12.12 -25.26 -10.82
N LYS B 44 -11.61 -26.15 -11.64
CA LYS B 44 -12.44 -27.15 -12.28
C LYS B 44 -12.84 -28.29 -11.37
N ASN B 45 -12.04 -28.59 -10.36
CA ASN B 45 -12.07 -29.92 -9.76
C ASN B 45 -12.28 -29.79 -8.31
N SER B 49 -18.10 -30.23 -10.44
CA SER B 49 -19.49 -29.75 -10.37
C SER B 49 -20.19 -29.53 -11.73
N ASP B 50 -21.10 -28.54 -11.80
CA ASP B 50 -21.91 -28.20 -13.01
C ASP B 50 -23.03 -27.10 -12.85
N PRO B 51 -23.55 -26.48 -13.94
CA PRO B 51 -23.08 -26.73 -15.31
C PRO B 51 -22.47 -25.42 -15.92
N ASN B 52 -21.47 -25.56 -16.78
CA ASN B 52 -20.74 -24.42 -17.40
C ASN B 52 -21.38 -23.07 -17.66
N MET B 53 -21.07 -22.09 -16.81
CA MET B 53 -21.72 -20.80 -17.13
C MET B 53 -21.32 -20.33 -18.52
N ILE B 54 -20.12 -20.69 -18.96
CA ILE B 54 -19.59 -20.27 -20.27
C ILE B 54 -19.37 -21.60 -21.02
N GLY B 55 -20.03 -21.76 -22.16
CA GLY B 55 -19.86 -22.98 -22.97
C GLY B 55 -19.30 -22.71 -24.36
N PRO B 56 -18.95 -23.78 -25.10
CA PRO B 56 -18.43 -23.70 -26.49
C PRO B 56 -19.31 -22.88 -27.44
N GLU B 57 -20.62 -22.87 -27.20
CA GLU B 57 -21.54 -21.96 -27.89
C GLU B 57 -21.20 -20.47 -27.64
N ASP B 58 -20.92 -20.10 -26.39
CA ASP B 58 -20.49 -18.71 -26.04
C ASP B 58 -19.13 -18.38 -26.73
N GLN B 59 -18.14 -19.29 -26.57
CA GLN B 59 -16.76 -19.07 -27.00
C GLN B 59 -16.62 -18.94 -28.47
N ASN B 60 -17.53 -19.53 -29.23
CA ASN B 60 -17.43 -19.48 -30.68
C ASN B 60 -18.17 -18.32 -31.32
N SER B 61 -18.99 -17.61 -30.57
CA SER B 61 -19.80 -16.56 -31.16
C SER B 61 -18.95 -15.42 -31.75
N PRO B 62 -19.50 -14.71 -32.73
CA PRO B 62 -18.73 -13.58 -33.30
C PRO B 62 -18.40 -12.43 -32.30
N ALA B 63 -19.32 -12.10 -31.40
CA ALA B 63 -19.09 -11.10 -30.38
C ALA B 63 -17.96 -11.50 -29.39
N PHE B 64 -17.89 -12.77 -29.02
CA PHE B 64 -16.86 -13.25 -28.11
C PHE B 64 -15.48 -13.09 -28.74
N LYS B 65 -15.32 -13.53 -30.01
CA LYS B 65 -14.03 -13.47 -30.68
C LYS B 65 -13.58 -12.04 -30.90
N LYS B 66 -14.52 -11.18 -31.21
CA LYS B 66 -14.22 -9.76 -31.34
C LYS B 66 -13.78 -9.12 -29.95
N THR B 67 -14.38 -9.58 -28.88
CA THR B 67 -14.03 -9.10 -27.54
C THR B 67 -12.62 -9.57 -27.19
N VAL B 68 -12.33 -10.83 -27.48
CA VAL B 68 -10.97 -11.30 -27.37
C VAL B 68 -9.97 -10.47 -28.17
N GLY B 69 -10.36 -10.07 -29.39
CA GLY B 69 -9.48 -9.26 -30.25
C GLY B 69 -9.25 -7.91 -29.61
N HIS B 70 -10.30 -7.35 -29.04
CA HIS B 70 -10.19 -6.05 -28.36
C HIS B 70 -9.19 -6.15 -27.16
N MET B 71 -9.35 -7.18 -26.35
CA MET B 71 -8.44 -7.40 -25.21
C MET B 71 -7.00 -7.50 -25.69
N LYS B 72 -6.76 -8.20 -26.78
CA LYS B 72 -5.45 -8.40 -27.34
C LYS B 72 -4.89 -7.12 -27.87
N THR B 73 -5.72 -6.24 -28.45
CA THR B 73 -5.26 -4.93 -28.86
C THR B 73 -4.81 -4.06 -27.67
N VAL B 74 -5.59 -4.06 -26.59
CA VAL B 74 -5.15 -3.29 -25.39
C VAL B 74 -3.83 -3.83 -24.81
N LEU B 75 -3.69 -5.12 -24.75
CA LEU B 75 -2.46 -5.68 -24.23
C LEU B 75 -1.28 -5.40 -25.19
N ASP B 76 -1.52 -5.38 -26.49
CA ASP B 76 -0.46 -4.98 -27.42
C ASP B 76 -0.03 -3.51 -27.22
N GLN B 77 -1.00 -2.63 -26.91
CA GLN B 77 -0.69 -1.24 -26.60
C GLN B 77 0.10 -1.12 -25.28
N LEU B 78 -0.34 -1.86 -24.29
CA LEU B 78 0.37 -1.91 -23.01
C LEU B 78 1.82 -2.31 -23.32
N SER B 79 1.97 -3.34 -24.11
CA SER B 79 3.26 -3.99 -24.36
C SER B 79 4.18 -3.02 -25.07
N GLU B 80 3.62 -2.28 -26.00
CA GLU B 80 4.41 -1.33 -26.64
C GLU B 80 4.97 -0.27 -25.80
N ARG B 81 4.12 0.30 -24.95
CA ARG B 81 4.55 1.33 -24.03
C ARG B 81 5.63 0.80 -23.06
N ILE B 82 5.43 -0.38 -22.44
CA ILE B 82 6.39 -0.82 -21.49
C ILE B 82 7.73 -1.23 -22.13
N ARG B 83 7.72 -1.81 -23.30
CA ARG B 83 8.95 -2.19 -23.94
C ARG B 83 9.72 -0.99 -24.49
N THR B 84 9.03 0.05 -24.94
CA THR B 84 9.74 1.19 -25.55
C THR B 84 9.91 2.39 -24.66
N GLU B 85 9.22 2.51 -23.52
CA GLU B 85 9.44 3.61 -22.59
C GLU B 85 10.21 3.24 -21.33
N SER B 86 10.46 1.95 -21.09
CA SER B 86 11.15 1.55 -19.88
C SER B 86 12.64 1.87 -19.98
N VAL B 87 13.33 1.95 -18.86
CA VAL B 87 14.81 2.03 -18.87
C VAL B 87 15.44 0.67 -19.37
N PRO B 88 16.54 0.70 -20.14
CA PRO B 88 17.16 -0.58 -20.55
C PRO B 88 17.46 -1.41 -19.31
N TRP B 89 17.33 -2.72 -19.43
CA TRP B 89 17.44 -3.59 -18.24
C TRP B 89 18.88 -3.53 -17.82
N HIS B 90 18.97 -3.63 -16.56
CA HIS B 90 20.20 -3.65 -15.96
C HIS B 90 21.27 -4.73 -16.42
N SER B 91 22.49 -4.27 -16.74
CA SER B 91 23.47 -5.21 -17.23
C SER B 91 24.69 -5.23 -16.28
N ALA B 92 24.92 -6.34 -15.53
CA ALA B 92 25.97 -6.36 -14.51
C ALA B 92 27.31 -6.16 -15.16
N GLY B 93 28.19 -5.43 -14.49
CA GLY B 93 29.47 -5.12 -15.00
C GLY B 93 29.45 -3.78 -15.74
N ARG B 94 28.31 -3.44 -16.35
CA ARG B 94 28.19 -2.08 -17.05
C ARG B 94 27.45 -1.08 -16.16
N TYR B 95 26.45 -1.58 -15.45
CA TYR B 95 25.52 -0.72 -14.72
C TYR B 95 26.00 -0.57 -13.30
N TRP B 96 26.34 0.66 -12.92
CA TRP B 96 26.86 0.99 -11.57
C TRP B 96 26.08 2.19 -11.00
N GLY B 97 24.76 2.14 -11.17
CA GLY B 97 23.82 3.18 -10.71
C GLY B 97 23.09 2.75 -9.45
N HIS B 98 21.99 3.42 -9.12
CA HIS B 98 21.33 3.33 -7.80
C HIS B 98 20.07 2.45 -7.74
N MET B 99 19.63 1.95 -8.89
CA MET B 99 18.39 1.12 -8.86
C MET B 99 18.59 -0.30 -9.32
N ASN B 100 17.81 -1.21 -8.72
CA ASN B 100 17.77 -2.59 -9.24
C ASN B 100 16.37 -3.06 -9.42
N SER B 101 16.09 -3.70 -10.57
CA SER B 101 14.71 -4.21 -10.78
C SER B 101 14.61 -5.75 -10.72
N GLU B 102 15.75 -6.43 -10.68
CA GLU B 102 15.74 -7.89 -10.75
C GLU B 102 15.13 -8.41 -9.42
N THR B 103 14.37 -9.51 -9.46
CA THR B 103 13.70 -10.05 -8.29
C THR B 103 13.91 -11.56 -8.27
N LEU B 104 13.73 -12.15 -7.11
CA LEU B 104 13.85 -13.64 -6.98
C LEU B 104 12.78 -14.33 -7.76
N MET B 105 13.17 -15.30 -8.58
CA MET B 105 12.19 -15.98 -9.34
C MET B 105 11.08 -16.70 -8.48
N PRO B 106 11.47 -17.32 -7.35
CA PRO B 106 10.35 -17.97 -6.56
C PRO B 106 9.36 -16.93 -6.00
N ALA B 107 9.83 -15.68 -5.74
CA ALA B 107 8.89 -14.64 -5.25
C ALA B 107 7.95 -14.24 -6.41
N LEU B 108 8.48 -14.10 -7.63
CA LEU B 108 7.61 -13.76 -8.81
C LEU B 108 6.59 -14.86 -9.07
N LEU B 109 7.07 -16.10 -9.06
CA LEU B 109 6.16 -17.24 -9.31
C LEU B 109 5.07 -17.36 -8.29
N ALA B 110 5.42 -17.15 -7.02
CA ALA B 110 4.43 -17.32 -5.96
C ALA B 110 3.39 -16.26 -6.08
N TYR B 111 3.82 -15.04 -6.45
CA TYR B 111 2.83 -13.97 -6.65
C TYR B 111 1.92 -14.34 -7.79
N ASN B 112 2.49 -14.74 -8.91
CA ASN B 112 1.72 -15.12 -10.09
C ASN B 112 0.65 -16.17 -9.74
N TYR B 113 1.05 -17.19 -9.02
CA TYR B 113 0.09 -18.23 -8.62
C TYR B 113 -0.95 -17.73 -7.61
N ALA B 114 -0.52 -17.12 -6.51
CA ALA B 114 -1.47 -16.69 -5.50
C ALA B 114 -2.47 -15.66 -5.99
N MET B 115 -2.03 -14.78 -6.90
CA MET B 115 -2.97 -13.76 -7.27
C MET B 115 -4.19 -14.28 -8.05
N LEU B 116 -4.11 -15.49 -8.58
CA LEU B 116 -5.25 -16.20 -9.20
C LEU B 116 -6.39 -16.47 -8.22
N TRP B 117 -6.06 -16.68 -6.94
CA TRP B 117 -7.13 -16.74 -5.90
C TRP B 117 -7.62 -15.34 -5.54
N ASN B 118 -6.78 -14.34 -5.71
CA ASN B 118 -7.14 -12.99 -5.32
C ASN B 118 -7.57 -12.86 -3.88
N GLY B 119 -6.89 -13.56 -2.96
CA GLY B 119 -7.20 -13.45 -1.55
C GLY B 119 -6.82 -12.09 -0.98
N ASN B 120 -7.56 -11.65 0.01
CA ASN B 120 -7.33 -10.43 0.73
C ASN B 120 -6.92 -10.80 2.14
N ASN B 121 -5.71 -10.43 2.55
CA ASN B 121 -5.20 -10.84 3.87
C ASN B 121 -5.73 -10.07 5.08
N VAL B 122 -6.67 -9.14 4.89
CA VAL B 122 -7.23 -8.51 6.11
C VAL B 122 -8.17 -9.36 6.88
N ALA B 123 -8.75 -10.32 6.18
CA ALA B 123 -9.72 -11.21 6.81
C ALA B 123 -9.26 -12.64 6.62
N TYR B 124 -8.92 -13.37 7.66
CA TYR B 124 -8.50 -14.75 7.47
C TYR B 124 -9.36 -15.55 6.52
N GLU B 125 -10.67 -15.38 6.63
CA GLU B 125 -11.69 -16.06 5.83
C GLU B 125 -11.50 -16.05 4.35
N SER B 126 -11.12 -14.92 3.83
CA SER B 126 -10.94 -14.86 2.41
C SER B 126 -9.66 -15.55 2.04
N SER B 127 -8.75 -15.81 2.98
CA SER B 127 -7.54 -16.38 2.41
C SER B 127 -6.72 -17.03 3.51
N PRO B 128 -7.19 -18.21 3.95
CA PRO B 128 -6.55 -18.78 5.13
C PRO B 128 -5.12 -19.17 4.89
N ALA B 129 -4.75 -19.64 3.72
CA ALA B 129 -3.34 -20.09 3.58
C ALA B 129 -2.41 -18.88 3.51
N THR B 130 -2.78 -17.83 2.77
CA THR B 130 -1.81 -16.69 2.70
C THR B 130 -1.85 -15.92 4.01
N SER B 131 -2.98 -15.95 4.73
CA SER B 131 -2.95 -15.37 6.09
C SER B 131 -1.96 -16.05 6.97
N GLN B 132 -1.93 -17.39 6.93
CA GLN B 132 -0.93 -18.08 7.70
C GLN B 132 0.46 -17.82 7.25
N MET B 133 0.63 -17.72 5.94
CA MET B 133 1.97 -17.34 5.38
C MET B 133 2.42 -15.98 5.89
N GLU B 134 1.51 -15.01 5.99
CA GLU B 134 1.90 -13.70 6.59
C GLU B 134 2.29 -13.80 8.08
N GLU B 135 1.63 -14.70 8.82
CA GLU B 135 1.93 -14.91 10.22
C GLU B 135 3.35 -15.47 10.28
N GLU B 136 3.64 -16.43 9.42
CA GLU B 136 4.98 -17.05 9.37
C GLU B 136 6.03 -16.05 8.98
N VAL B 137 5.75 -15.24 7.94
CA VAL B 137 6.73 -14.15 7.60
C VAL B 137 6.98 -13.20 8.79
N GLY B 138 5.92 -12.83 9.54
CA GLY B 138 6.15 -11.94 10.68
C GLY B 138 7.04 -12.62 11.72
N GLN B 139 6.77 -13.91 12.00
CA GLN B 139 7.73 -14.66 12.87
C GLN B 139 9.16 -14.70 12.34
N GLU B 140 9.35 -14.90 11.04
CA GLU B 140 10.65 -14.88 10.40
C GLU B 140 11.35 -13.50 10.54
N PHE B 141 10.60 -12.39 10.35
CA PHE B 141 11.22 -11.08 10.64
C PHE B 141 11.63 -10.97 12.12
N ALA B 142 10.76 -11.39 13.00
CA ALA B 142 11.12 -11.25 14.43
C ALA B 142 12.41 -12.08 14.74
N ARG B 143 12.51 -13.26 14.13
CA ARG B 143 13.68 -14.12 14.39
C ARG B 143 14.93 -13.48 13.76
N LEU B 144 14.80 -12.97 12.55
CA LEU B 144 15.94 -12.20 11.96
C LEU B 144 16.47 -11.11 12.85
N MET B 145 15.60 -10.43 13.56
CA MET B 145 16.02 -9.24 14.29
C MET B 145 16.36 -9.64 15.73
N GLY B 146 16.26 -10.96 16.03
CA GLY B 146 16.63 -11.38 17.40
C GLY B 146 15.60 -11.07 18.48
N TYR B 147 14.34 -10.82 18.10
CA TYR B 147 13.29 -10.51 19.10
C TYR B 147 12.70 -11.87 19.62
N ASP B 148 13.01 -12.28 20.83
CA ASP B 148 12.40 -13.50 21.32
C ASP B 148 10.90 -13.47 21.51
N TYR B 149 10.33 -12.32 21.79
CA TYR B 149 8.89 -12.19 21.95
C TYR B 149 8.23 -11.15 21.05
N GLY B 150 8.79 -10.96 19.87
CA GLY B 150 8.30 -10.00 18.92
C GLY B 150 7.29 -10.43 17.90
N TRP B 151 7.09 -9.64 16.87
CA TRP B 151 6.12 -9.95 15.84
C TRP B 151 6.39 -8.99 14.68
N GLY B 152 5.75 -9.25 13.56
CA GLY B 152 5.95 -8.35 12.40
C GLY B 152 4.83 -8.60 11.40
N HIS B 153 4.73 -7.73 10.40
CA HIS B 153 3.86 -8.04 9.32
C HIS B 153 4.35 -7.25 8.07
N ILE B 154 3.74 -7.59 6.92
CA ILE B 154 4.08 -7.00 5.70
C ILE B 154 3.26 -5.71 5.62
N VAL B 155 3.90 -4.62 5.21
CA VAL B 155 3.24 -3.32 5.09
C VAL B 155 3.32 -2.99 3.61
N ALA B 156 2.45 -2.10 3.13
CA ALA B 156 2.49 -1.71 1.66
C ALA B 156 3.86 -1.27 1.22
N ASP B 157 4.56 -0.48 2.04
CA ASP B 157 5.95 -0.08 1.69
C ASP B 157 6.66 0.40 2.94
N GLY B 158 7.95 0.69 2.86
CA GLY B 158 8.71 1.08 4.05
C GLY B 158 8.35 2.51 4.55
N SER B 159 7.86 3.39 3.67
CA SER B 159 7.37 4.70 4.16
C SER B 159 6.19 4.51 5.10
N LEU B 160 5.28 3.60 4.77
CA LEU B 160 4.16 3.31 5.65
C LEU B 160 4.58 2.53 6.88
N ALA B 161 5.59 1.67 6.75
CA ALA B 161 6.16 1.03 7.95
C ALA B 161 6.75 2.08 8.93
N ASN B 162 7.41 3.15 8.40
CA ASN B 162 7.91 4.21 9.20
C ASN B 162 6.82 4.95 9.91
N LEU B 163 5.71 5.18 9.20
CA LEU B 163 4.54 5.79 9.83
C LEU B 163 3.97 4.90 10.96
N GLU B 164 3.82 3.63 10.67
CA GLU B 164 3.38 2.68 11.68
C GLU B 164 4.30 2.74 12.91
N GLY B 165 5.60 2.73 12.68
CA GLY B 165 6.57 2.96 13.77
C GLY B 165 6.29 4.19 14.62
N LEU B 166 6.08 5.35 13.95
CA LEU B 166 5.77 6.50 14.75
C LEU B 166 4.41 6.37 15.49
N TRP B 167 3.41 5.73 14.86
CA TRP B 167 2.10 5.51 15.46
C TRP B 167 2.26 4.69 16.79
N TYR B 168 3.04 3.65 16.71
CA TYR B 168 3.42 2.92 17.99
C TYR B 168 4.07 3.86 19.02
N ALA B 169 5.12 4.59 18.64
CA ALA B 169 5.90 5.39 19.55
C ALA B 169 4.99 6.42 20.17
N ARG B 170 4.13 6.98 19.35
CA ARG B 170 3.25 8.11 19.80
C ARG B 170 2.27 7.50 20.80
N ASN B 171 1.60 6.42 20.41
CA ASN B 171 0.55 5.86 21.30
C ASN B 171 1.17 5.33 22.58
N ILE B 172 2.34 4.71 22.44
CA ILE B 172 3.07 4.17 23.64
C ILE B 172 3.49 5.25 24.62
N LYS B 173 4.07 6.37 24.12
CA LYS B 173 4.45 7.45 25.00
C LYS B 173 3.27 7.98 25.85
N SER B 174 2.09 7.93 25.28
CA SER B 174 0.93 8.60 25.87
C SER B 174 0.26 7.68 26.94
N LEU B 175 0.67 6.43 26.95
CA LEU B 175 -0.06 5.43 27.81
C LEU B 175 0.08 5.65 29.31
N PRO B 176 1.24 6.02 29.79
CA PRO B 176 1.35 6.22 31.23
C PRO B 176 0.35 7.24 31.74
N PHE B 177 0.18 8.35 31.07
CA PHE B 177 -0.77 9.35 31.50
C PHE B 177 -2.21 8.84 31.36
N ALA B 178 -2.48 8.10 30.31
CA ALA B 178 -3.78 7.51 30.06
C ALA B 178 -4.11 6.59 31.23
N MET B 179 -3.13 5.83 31.64
CA MET B 179 -3.36 4.95 32.83
C MET B 179 -3.63 5.73 34.11
N LYS B 180 -2.89 6.78 34.35
CA LYS B 180 -3.16 7.72 35.45
C LYS B 180 -4.57 8.25 35.41
N GLU B 181 -5.07 8.62 34.23
CA GLU B 181 -6.44 9.11 34.10
C GLU B 181 -7.46 8.04 34.43
N VAL B 182 -7.19 6.80 34.08
CA VAL B 182 -8.20 5.79 34.18
C VAL B 182 -8.13 5.19 35.58
N ASN B 183 -6.93 4.93 36.05
CA ASN B 183 -6.79 4.33 37.36
C ASN B 183 -5.48 4.73 38.01
N PRO B 184 -5.50 5.78 38.82
CA PRO B 184 -4.30 6.43 39.32
C PRO B 184 -3.37 5.44 40.08
N GLU B 185 -3.93 4.37 40.62
CA GLU B 185 -3.10 3.46 41.38
C GLU B 185 -2.10 2.67 40.51
N LEU B 186 -2.40 2.42 39.25
CA LEU B 186 -1.47 1.77 38.33
C LEU B 186 -0.12 2.50 38.25
N VAL B 187 -0.11 3.82 38.42
CA VAL B 187 1.14 4.54 38.34
C VAL B 187 1.37 5.40 39.59
N ALA B 188 0.89 4.95 40.75
CA ALA B 188 0.92 5.80 41.95
C ALA B 188 2.34 6.23 42.30
N GLY B 189 2.51 7.49 42.72
CA GLY B 189 3.81 8.05 43.07
C GLY B 189 4.68 8.55 41.93
N LYS B 190 4.28 8.33 40.67
CA LYS B 190 5.14 8.73 39.58
C LYS B 190 4.84 10.18 39.24
N SER B 191 5.88 11.00 39.10
CA SER B 191 5.63 12.40 38.68
C SER B 191 5.34 12.38 37.18
N ASP B 192 4.94 13.52 36.65
CA ASP B 192 4.67 13.61 35.22
C ASP B 192 5.96 13.37 34.40
N TRP B 193 7.10 13.83 34.90
CA TRP B 193 8.38 13.60 34.18
C TRP B 193 8.71 12.07 34.19
N GLU B 194 8.45 11.39 35.29
CA GLU B 194 8.58 9.89 35.26
C GLU B 194 7.66 9.20 34.31
N LEU B 195 6.41 9.59 34.27
CA LEU B 195 5.45 9.04 33.35
C LEU B 195 5.89 9.25 31.90
N LEU B 196 6.48 10.42 31.61
CA LEU B 196 7.00 10.72 30.25
C LEU B 196 8.33 10.04 29.94
N ASN B 197 8.89 9.28 30.89
CA ASN B 197 10.18 8.64 30.67
C ASN B 197 10.16 7.18 31.15
N MET B 198 9.02 6.57 31.11
CA MET B 198 8.89 5.12 31.40
C MET B 198 9.43 4.28 30.24
N PRO B 199 10.28 3.28 30.55
CA PRO B 199 10.71 2.37 29.48
C PRO B 199 9.51 1.65 28.89
N THR B 200 9.59 1.27 27.62
CA THR B 200 8.49 0.67 26.90
C THR B 200 8.10 -0.69 27.58
N LYS B 201 9.09 -1.46 27.97
CA LYS B 201 8.73 -2.74 28.64
C LYS B 201 7.89 -2.52 29.92
N GLU B 202 8.26 -1.52 30.71
CA GLU B 202 7.54 -1.25 31.95
C GLU B 202 6.13 -0.75 31.62
N ILE B 203 5.97 0.04 30.54
CA ILE B 203 4.63 0.43 30.05
C ILE B 203 3.75 -0.76 29.71
N MET B 204 4.30 -1.72 28.96
CA MET B 204 3.56 -2.89 28.48
C MET B 204 3.22 -3.83 29.67
N ASP B 205 4.11 -3.90 30.65
CA ASP B 205 3.83 -4.70 31.88
C ASP B 205 2.69 -4.06 32.64
N LEU B 206 2.66 -2.72 32.74
CA LEU B 206 1.55 -2.02 33.40
C LEU B 206 0.27 -2.19 32.67
N LEU B 207 0.35 -2.22 31.35
CA LEU B 207 -0.86 -2.31 30.54
C LEU B 207 -1.44 -3.69 30.71
N GLU B 208 -0.56 -4.68 30.70
CA GLU B 208 -1.00 -6.02 31.03
C GLU B 208 -1.69 -6.14 32.40
N ASN B 209 -1.14 -5.50 33.44
CA ASN B 209 -1.75 -5.43 34.77
C ASN B 209 -3.02 -4.70 34.82
N ALA B 210 -3.23 -3.70 33.96
CA ALA B 210 -4.49 -3.00 33.90
C ALA B 210 -5.63 -3.95 33.50
N GLY B 211 -5.27 -5.05 32.88
CA GLY B 211 -6.26 -6.06 32.49
C GLY B 211 -7.47 -5.58 31.71
N SER B 212 -8.66 -5.74 32.29
CA SER B 212 -9.91 -5.36 31.65
C SER B 212 -9.98 -3.84 31.37
N GLN B 213 -9.18 -3.03 32.02
CA GLN B 213 -9.30 -1.57 31.83
C GLN B 213 -8.55 -1.10 30.59
N ILE B 214 -7.94 -2.01 29.84
CA ILE B 214 -7.14 -1.63 28.68
C ILE B 214 -7.95 -0.80 27.65
N ASP B 215 -9.22 -1.15 27.40
CA ASP B 215 -10.05 -0.43 26.46
C ASP B 215 -10.25 1.03 26.86
N GLU B 216 -10.57 1.27 28.13
CA GLU B 216 -10.68 2.65 28.66
C GLU B 216 -9.37 3.40 28.63
N VAL B 217 -8.27 2.70 28.92
CA VAL B 217 -6.99 3.31 28.89
C VAL B 217 -6.67 3.82 27.41
N LYS B 218 -6.91 2.96 26.43
CA LYS B 218 -6.66 3.27 25.04
C LYS B 218 -7.47 4.50 24.61
N LYS B 219 -8.67 4.68 25.15
CA LYS B 219 -9.49 5.84 24.87
C LYS B 219 -8.87 7.14 25.33
N ARG B 220 -8.05 7.10 26.36
CA ARG B 220 -7.44 8.28 26.87
C ARG B 220 -5.98 8.47 26.40
N SER B 221 -5.53 7.61 25.50
CA SER B 221 -4.22 7.68 24.93
C SER B 221 -4.21 8.66 23.78
N ALA B 222 -3.11 8.74 23.08
CA ALA B 222 -2.96 9.65 21.92
C ALA B 222 -4.03 9.38 20.88
N ARG B 223 -4.61 8.18 20.84
CA ARG B 223 -5.76 7.86 19.93
C ARG B 223 -6.89 8.91 20.08
N SER B 224 -6.96 9.56 21.23
CA SER B 224 -8.06 10.54 21.52
C SER B 224 -7.74 11.86 20.83
N GLY B 225 -6.50 12.06 20.35
CA GLY B 225 -6.10 13.38 19.81
C GLY B 225 -5.58 14.36 20.85
N LYS B 226 -5.58 14.00 22.13
CA LYS B 226 -5.27 14.95 23.21
C LYS B 226 -3.79 14.80 23.54
N ASN B 227 -3.10 15.92 23.80
CA ASN B 227 -1.76 15.93 24.41
C ASN B 227 -0.66 15.55 23.46
N LEU B 228 -0.91 15.64 22.15
CA LEU B 228 0.14 15.22 21.19
C LEU B 228 1.48 15.96 21.33
N GLN B 229 1.41 17.29 21.57
CA GLN B 229 2.62 18.06 21.64
C GLN B 229 3.43 17.75 22.94
N ARG B 230 2.72 17.32 23.94
CA ARG B 230 3.35 16.98 25.25
C ARG B 230 4.31 15.77 25.12
N LEU B 231 4.10 14.98 24.07
CA LEU B 231 4.81 13.70 23.94
C LEU B 231 6.24 13.86 23.57
N GLY B 232 6.61 15.07 23.05
CA GLY B 232 7.99 15.39 22.94
C GLY B 232 8.56 15.24 21.51
N LYS B 233 9.88 15.21 21.44
CA LYS B 233 10.64 15.43 20.17
C LYS B 233 10.96 14.15 19.47
N TRP B 234 10.88 14.15 18.14
CA TRP B 234 11.28 12.97 17.34
C TRP B 234 12.61 13.22 16.65
N LEU B 235 13.64 12.52 17.13
CA LEU B 235 15.01 12.82 16.67
C LEU B 235 15.45 11.94 15.50
N VAL B 236 15.92 12.55 14.41
CA VAL B 236 16.30 11.80 13.22
C VAL B 236 17.63 12.29 12.73
N PRO B 237 18.36 11.48 11.97
CA PRO B 237 19.57 12.01 11.42
C PRO B 237 19.19 13.10 10.40
N GLN B 238 20.10 14.05 10.20
CA GLN B 238 19.80 15.19 9.31
C GLN B 238 19.53 14.73 7.90
N THR B 239 20.19 13.67 7.45
CA THR B 239 19.85 13.12 6.12
C THR B 239 18.67 12.12 6.07
N LYS B 240 17.84 12.03 7.11
CA LYS B 240 16.63 11.11 7.15
C LYS B 240 15.92 11.05 5.78
N HIS B 241 15.41 9.87 5.42
CA HIS B 241 14.52 9.72 4.25
C HIS B 241 13.24 10.58 4.45
N TYR B 242 12.71 11.18 3.39
CA TYR B 242 11.62 12.15 3.62
C TYR B 242 10.34 11.51 4.14
N SER B 243 10.21 10.20 4.02
CA SER B 243 9.08 9.51 4.66
C SER B 243 8.94 9.89 6.14
N TRP B 244 10.04 10.26 6.80
CA TRP B 244 9.99 10.63 8.24
C TRP B 244 9.35 11.95 8.51
N MET B 245 9.59 12.92 7.63
CA MET B 245 8.93 14.21 7.74
C MET B 245 7.43 14.02 7.47
N LYS B 246 7.08 13.26 6.42
CA LYS B 246 5.69 13.00 6.16
C LYS B 246 5.01 12.27 7.32
N ALA B 247 5.74 11.32 7.90
CA ALA B 247 5.17 10.55 9.00
C ALA B 247 4.87 11.44 10.22
N ALA B 248 5.75 12.40 10.54
CA ALA B 248 5.45 13.27 11.69
C ALA B 248 4.27 14.19 11.39
N ASP B 249 4.20 14.67 10.14
CA ASP B 249 3.04 15.44 9.65
C ASP B 249 1.77 14.60 9.77
N ILE B 250 1.73 13.45 9.17
CA ILE B 250 0.50 12.65 9.09
C ILE B 250 0.08 12.33 10.55
N ILE B 251 1.04 11.99 11.41
CA ILE B 251 0.67 11.32 12.72
C ILE B 251 0.21 12.36 13.73
N GLY B 252 0.41 13.63 13.41
CA GLY B 252 -0.13 14.68 14.24
C GLY B 252 0.88 15.24 15.25
N ILE B 253 2.12 14.75 15.31
CA ILE B 253 3.02 15.41 16.26
C ILE B 253 3.57 16.64 15.55
N GLY B 254 3.64 16.55 14.23
CA GLY B 254 4.01 17.70 13.40
C GLY B 254 5.44 17.89 13.03
N LEU B 255 5.68 18.65 11.96
CA LEU B 255 7.04 18.90 11.59
C LEU B 255 7.81 19.72 12.63
N ASP B 256 7.11 20.52 13.41
CA ASP B 256 7.77 21.32 14.46
C ASP B 256 8.45 20.45 15.51
N GLN B 257 8.00 19.20 15.66
CA GLN B 257 8.56 18.32 16.70
C GLN B 257 9.70 17.44 16.16
N VAL B 258 9.98 17.50 14.86
CA VAL B 258 11.11 16.67 14.33
C VAL B 258 12.42 17.40 14.52
N VAL B 259 13.41 16.70 15.07
CA VAL B 259 14.69 17.40 15.34
C VAL B 259 15.80 16.72 14.56
N PRO B 260 16.50 17.47 13.66
CA PRO B 260 17.60 16.86 12.94
C PRO B 260 18.83 16.75 13.83
N VAL B 261 19.48 15.60 13.78
CA VAL B 261 20.68 15.38 14.53
C VAL B 261 21.79 15.36 13.47
N PRO B 262 22.85 16.12 13.67
CA PRO B 262 24.02 16.13 12.75
C PRO B 262 24.63 14.75 12.50
N ILE B 263 25.09 14.54 11.29
CA ILE B 263 25.81 13.32 10.98
C ILE B 263 27.29 13.62 10.97
N ASP B 264 28.10 12.58 11.12
CA ASP B 264 29.54 12.73 11.10
C ASP B 264 30.16 12.50 9.70
N SER B 265 31.48 12.48 9.65
CA SER B 265 32.20 12.31 8.40
C SER B 265 32.02 10.97 7.73
N ASN B 266 31.46 10.03 8.44
CA ASN B 266 31.17 8.76 7.89
C ASN B 266 29.70 8.74 7.49
N TYR B 267 29.06 9.90 7.59
CA TYR B 267 27.63 10.05 7.23
C TYR B 267 26.70 9.24 8.14
N ARG B 268 27.22 8.92 9.33
CA ARG B 268 26.46 8.31 10.36
C ARG B 268 26.01 9.35 11.40
N MET B 269 24.87 9.13 12.02
CA MET B 269 24.41 10.05 13.07
C MET B 269 25.50 10.21 14.13
N ASP B 270 25.84 11.47 14.45
CA ASP B 270 26.85 11.80 15.45
C ASP B 270 26.30 11.56 16.85
N ILE B 271 26.78 10.52 17.53
CA ILE B 271 26.19 10.14 18.82
C ILE B 271 26.55 11.09 19.96
N GLN B 272 27.67 11.84 19.84
CA GLN B 272 27.96 12.92 20.82
C GLN B 272 26.95 14.08 20.68
N ALA B 273 26.61 14.37 19.46
CA ALA B 273 25.61 15.41 19.18
C ALA B 273 24.22 14.91 19.59
N LEU B 274 23.90 13.64 19.31
CA LEU B 274 22.64 13.10 19.83
C LEU B 274 22.54 13.28 21.36
N GLU B 275 23.62 12.99 22.08
CA GLU B 275 23.55 13.08 23.55
C GLU B 275 23.41 14.53 24.01
N SER B 276 24.08 15.42 23.32
CA SER B 276 24.02 16.85 23.70
C SER B 276 22.57 17.35 23.51
N ILE B 277 21.98 17.02 22.37
CA ILE B 277 20.57 17.40 22.10
C ILE B 277 19.60 16.85 23.12
N ILE B 278 19.74 15.53 23.45
CA ILE B 278 18.86 14.95 24.38
C ILE B 278 19.04 15.58 25.74
N ARG B 279 20.27 15.80 26.15
CA ARG B 279 20.42 16.35 27.51
C ARG B 279 19.85 17.79 27.60
N LYS B 280 19.96 18.52 26.52
CA LYS B 280 19.44 19.88 26.55
C LYS B 280 17.92 19.94 26.60
N TYR B 281 17.23 19.10 25.80
CA TYR B 281 15.78 18.99 25.98
C TYR B 281 15.40 18.46 27.39
N ALA B 282 16.09 17.41 27.88
CA ALA B 282 15.71 16.90 29.16
C ALA B 282 15.88 17.95 30.31
N ALA B 283 16.86 18.84 30.16
CA ALA B 283 17.12 19.82 31.23
C ALA B 283 15.96 20.80 31.22
N GLU B 284 15.28 20.95 30.09
CA GLU B 284 14.13 21.81 30.04
C GLU B 284 12.90 21.07 30.39
N LYS B 285 13.01 19.79 30.68
CA LYS B 285 11.82 18.97 30.88
C LYS B 285 10.96 18.78 29.62
N THR B 286 11.61 18.74 28.47
CA THR B 286 10.91 18.35 27.27
C THR B 286 11.29 16.87 27.01
N PRO B 287 10.27 16.02 26.83
CA PRO B 287 10.54 14.57 26.64
C PRO B 287 11.05 14.30 25.24
N ILE B 288 11.69 13.15 25.12
CA ILE B 288 12.12 12.67 23.78
C ILE B 288 11.13 11.61 23.37
N LEU B 289 10.30 11.91 22.37
CA LEU B 289 9.40 10.89 21.92
C LEU B 289 10.15 9.65 21.39
N GLY B 290 11.20 9.86 20.63
CA GLY B 290 11.97 8.74 20.09
C GLY B 290 13.08 9.18 19.19
N VAL B 291 13.93 8.20 18.93
CA VAL B 291 15.08 8.38 18.05
C VAL B 291 15.01 7.37 16.91
N VAL B 292 15.33 7.82 15.72
CA VAL B 292 15.46 6.92 14.56
C VAL B 292 16.96 6.69 14.28
N GLY B 293 17.40 5.44 14.33
CA GLY B 293 18.71 5.08 13.75
C GLY B 293 18.54 4.45 12.39
N VAL B 294 19.43 4.77 11.46
CA VAL B 294 19.25 4.30 10.10
C VAL B 294 20.30 3.20 9.85
N ALA B 295 19.85 2.03 9.36
CA ALA B 295 20.82 1.03 8.96
C ALA B 295 20.83 0.90 7.43
N GLY B 296 21.66 1.70 6.76
CA GLY B 296 21.65 1.72 5.30
C GLY B 296 21.01 3.02 4.85
N SER B 297 21.76 4.10 4.98
CA SER B 297 21.28 5.44 4.46
C SER B 297 21.07 5.45 2.96
N THR B 298 20.22 6.39 2.52
CA THR B 298 19.71 6.35 1.14
C THR B 298 20.79 6.67 0.10
N GLU B 299 21.72 7.56 0.45
CA GLU B 299 22.76 7.95 -0.54
C GLU B 299 24.18 7.47 -0.26
N GLU B 300 24.44 6.86 0.89
CA GLU B 300 25.84 6.51 1.21
C GLU B 300 25.88 5.09 1.73
N GLY B 301 24.68 4.52 1.98
CA GLY B 301 24.62 3.18 2.61
C GLY B 301 25.33 3.12 3.95
N ALA B 302 25.30 4.22 4.67
CA ALA B 302 25.95 4.28 5.98
C ALA B 302 25.07 3.51 7.02
N VAL B 303 25.73 2.88 7.97
CA VAL B 303 25.04 2.18 9.05
C VAL B 303 25.30 3.00 10.35
N ASP B 304 24.26 3.61 10.95
CA ASP B 304 24.37 4.34 12.27
C ASP B 304 24.83 3.39 13.40
N GLY B 305 25.50 3.91 14.45
CA GLY B 305 26.00 3.04 15.59
C GLY B 305 24.84 2.73 16.52
N ILE B 306 23.95 1.83 16.06
CA ILE B 306 22.79 1.50 16.83
C ILE B 306 23.23 1.03 18.24
N ASP B 307 24.37 0.36 18.31
CA ASP B 307 24.88 -0.09 19.61
C ASP B 307 25.28 1.10 20.49
N LYS B 308 25.79 2.16 19.88
CA LYS B 308 26.15 3.37 20.65
C LYS B 308 24.88 4.14 21.14
N ILE B 309 23.81 4.03 20.39
CA ILE B 309 22.53 4.66 20.78
C ILE B 309 21.91 3.88 21.93
N VAL B 310 22.00 2.55 21.85
CA VAL B 310 21.44 1.71 22.94
C VAL B 310 22.23 1.93 24.26
N ALA B 311 23.55 2.01 24.18
CA ALA B 311 24.39 2.33 25.33
C ALA B 311 24.11 3.69 25.89
N LEU B 312 23.93 4.70 24.99
CA LEU B 312 23.55 5.99 25.46
C LEU B 312 22.22 5.99 26.17
N ARG B 313 21.25 5.28 25.65
CA ARG B 313 19.97 5.18 26.32
C ARG B 313 20.12 4.53 27.73
N GLN B 314 20.96 3.49 27.84
CA GLN B 314 21.14 2.86 29.19
C GLN B 314 21.77 3.82 30.18
N LYS B 315 22.72 4.63 29.69
CA LYS B 315 23.38 5.67 30.46
C LYS B 315 22.34 6.68 30.96
N LEU B 316 21.51 7.16 30.04
CA LEU B 316 20.53 8.23 30.34
C LEU B 316 19.40 7.76 31.20
N GLN B 317 19.09 6.48 31.11
CA GLN B 317 18.09 5.89 32.01
C GLN B 317 18.42 5.98 33.47
N LYS B 318 19.70 5.96 33.77
CA LYS B 318 20.14 6.22 35.16
C LYS B 318 19.80 7.62 35.63
N GLU B 319 19.64 8.57 34.71
CA GLU B 319 19.31 9.90 35.10
C GLU B 319 17.83 10.24 34.81
N GLY B 320 17.03 9.22 34.65
CA GLY B 320 15.58 9.42 34.52
C GLY B 320 15.11 9.84 33.11
N ILE B 321 15.89 9.49 32.08
CA ILE B 321 15.54 9.85 30.69
C ILE B 321 15.41 8.61 29.84
N TYR B 322 14.30 8.48 29.08
CA TYR B 322 14.12 7.32 28.24
C TYR B 322 13.66 7.79 26.83
N PHE B 323 14.07 7.07 25.81
CA PHE B 323 13.46 7.30 24.50
C PHE B 323 13.19 6.00 23.78
N TYR B 324 12.08 5.94 23.07
CA TYR B 324 11.83 4.90 22.05
C TYR B 324 12.85 4.88 20.93
N LEU B 325 13.29 3.67 20.55
CA LEU B 325 14.24 3.55 19.47
C LEU B 325 13.62 2.80 18.28
N HIS B 326 13.55 3.47 17.13
CA HIS B 326 13.15 2.80 15.89
C HIS B 326 14.32 2.68 14.95
N VAL B 327 14.54 1.50 14.35
CA VAL B 327 15.64 1.37 13.39
C VAL B 327 15.08 1.37 11.96
N ASP B 328 15.44 2.42 11.17
CA ASP B 328 14.98 2.37 9.80
C ASP B 328 15.98 1.52 8.97
N ALA B 329 15.70 0.23 8.79
CA ALA B 329 16.57 -0.69 8.04
C ALA B 329 15.85 -1.08 6.76
N ALA B 330 15.11 -0.12 6.18
CA ALA B 330 14.40 -0.38 4.93
C ALA B 330 15.35 -1.02 3.91
N TYR B 331 16.50 -0.44 3.78
CA TYR B 331 17.47 -0.87 2.82
C TYR B 331 18.38 -1.92 3.44
N GLY B 332 18.83 -1.71 4.71
CA GLY B 332 19.90 -2.57 5.30
C GLY B 332 19.38 -3.79 6.10
N GLY B 333 18.07 -3.98 6.19
CA GLY B 333 17.43 -4.99 7.06
C GLY B 333 17.84 -6.45 6.83
N TYR B 334 17.78 -6.85 5.57
CA TYR B 334 18.13 -8.23 5.18
C TYR B 334 19.61 -8.57 5.38
N ALA B 335 20.46 -7.56 5.46
CA ALA B 335 21.84 -7.78 5.78
C ALA B 335 22.11 -8.37 7.13
N ARG B 336 21.18 -8.27 8.09
CA ARG B 336 21.37 -8.92 9.37
C ARG B 336 21.50 -10.48 9.17
N ALA B 337 20.99 -11.00 8.07
CA ALA B 337 21.15 -12.44 7.70
C ALA B 337 22.62 -12.86 7.64
N LEU B 338 23.53 -11.90 7.38
CA LEU B 338 24.95 -12.21 7.36
C LEU B 338 25.43 -12.70 8.71
N PHE B 339 24.73 -12.34 9.78
CA PHE B 339 25.32 -12.47 11.07
C PHE B 339 24.72 -13.68 11.83
N LEU B 340 23.79 -14.39 11.17
CA LEU B 340 23.00 -15.43 11.86
C LEU B 340 23.43 -16.78 11.31
N ASP B 341 23.70 -17.73 12.22
CA ASP B 341 24.14 -19.08 11.73
C ASP B 341 22.96 -19.90 11.20
N GLU B 342 23.17 -21.16 10.76
CA GLU B 342 22.05 -21.99 10.28
C GLU B 342 20.95 -22.27 11.35
N ASP B 343 21.23 -22.10 12.64
CA ASP B 343 20.14 -22.14 13.64
C ASP B 343 19.61 -20.76 14.04
N ASP B 344 19.91 -19.76 13.21
CA ASP B 344 19.49 -18.39 13.47
C ASP B 344 20.10 -17.68 14.65
N GLN B 345 21.23 -18.18 15.16
CA GLN B 345 21.89 -17.53 16.31
C GLN B 345 22.92 -16.52 15.82
N PHE B 346 23.07 -15.45 16.57
CA PHE B 346 24.05 -14.41 16.18
C PHE B 346 25.48 -14.97 16.23
N ILE B 347 26.27 -14.75 15.21
CA ILE B 347 27.62 -15.33 15.09
C ILE B 347 28.59 -14.41 15.82
N PRO B 348 29.40 -14.97 16.71
CA PRO B 348 30.46 -14.11 17.31
C PRO B 348 31.41 -13.51 16.30
N TYR B 349 31.84 -12.27 16.55
CA TYR B 349 32.66 -11.59 15.57
C TYR B 349 33.96 -12.35 15.11
N LYS B 350 34.62 -12.98 16.06
CA LYS B 350 35.83 -13.72 15.72
C LYS B 350 35.59 -14.95 14.85
N ASN B 351 34.39 -15.53 14.92
CA ASN B 351 34.04 -16.68 14.06
C ASN B 351 33.44 -16.32 12.71
N LEU B 352 33.25 -15.02 12.49
CA LEU B 352 32.50 -14.58 11.34
C LEU B 352 33.16 -15.00 10.04
N GLN B 353 34.46 -14.78 9.89
CA GLN B 353 35.14 -15.10 8.61
C GLN B 353 35.09 -16.59 8.34
N LYS B 354 35.26 -17.39 9.38
CA LYS B 354 35.17 -18.83 9.27
C LYS B 354 33.77 -19.25 8.86
N VAL B 355 32.75 -18.82 9.60
CA VAL B 355 31.36 -19.22 9.19
C VAL B 355 31.03 -18.77 7.77
N HIS B 356 31.44 -17.55 7.40
CA HIS B 356 31.22 -17.10 6.04
C HIS B 356 31.94 -17.94 4.99
N ALA B 357 33.22 -18.23 5.25
CA ALA B 357 33.95 -19.10 4.32
C ALA B 357 33.26 -20.50 4.16
N GLU B 358 32.85 -21.14 5.28
CA GLU B 358 32.16 -22.44 5.26
C GLU B 358 30.87 -22.44 4.48
N ASN B 359 30.17 -21.30 4.45
CA ASN B 359 28.90 -21.17 3.78
C ASN B 359 28.99 -20.41 2.45
N HIS B 360 30.19 -20.20 1.99
CA HIS B 360 30.46 -19.49 0.69
C HIS B 360 29.75 -18.13 0.57
N VAL B 361 29.67 -17.42 1.71
CA VAL B 361 29.11 -16.10 1.69
C VAL B 361 30.02 -15.16 0.84
N PHE B 362 31.34 -15.25 1.02
CA PHE B 362 32.31 -14.42 0.37
C PHE B 362 33.23 -15.33 -0.36
N THR B 363 33.80 -14.89 -1.47
CA THR B 363 34.62 -15.80 -2.33
C THR B 363 36.07 -15.85 -1.79
N GLU B 364 36.45 -14.88 -0.99
CA GLU B 364 37.82 -14.83 -0.52
C GLU B 364 37.73 -14.73 0.98
N ASP B 365 38.70 -15.30 1.65
CA ASP B 365 38.68 -15.20 3.09
C ASP B 365 39.43 -13.96 3.63
N LYS B 366 38.76 -12.82 3.64
CA LYS B 366 39.32 -11.63 4.23
C LYS B 366 38.23 -10.97 5.04
N GLU B 367 38.60 -9.87 5.67
CA GLU B 367 37.63 -9.07 6.41
C GLU B 367 36.83 -8.34 5.38
N TYR B 368 35.51 -8.36 5.53
CA TYR B 368 34.64 -7.64 4.65
C TYR B 368 33.72 -6.78 5.48
N ILE B 369 33.41 -7.22 6.69
CA ILE B 369 32.44 -6.44 7.52
C ILE B 369 33.15 -5.65 8.59
N LYS B 370 32.97 -4.32 8.58
CA LYS B 370 33.58 -3.48 9.61
C LYS B 370 33.09 -3.84 10.99
N PRO B 371 34.00 -3.83 12.01
CA PRO B 371 33.57 -4.13 13.38
C PRO B 371 32.41 -3.25 13.87
N GLU B 372 32.37 -1.98 13.48
CA GLU B 372 31.33 -1.14 14.02
C GLU B 372 30.00 -1.40 13.27
N VAL B 373 30.06 -1.97 12.08
CA VAL B 373 28.85 -2.36 11.41
C VAL B 373 28.27 -3.62 12.05
N TYR B 374 29.18 -4.55 12.34
CA TYR B 374 28.76 -5.75 13.14
C TYR B 374 28.10 -5.37 14.43
N ALA B 375 28.72 -4.50 15.22
CA ALA B 375 28.18 -4.12 16.54
C ALA B 375 26.81 -3.43 16.38
N ALA B 376 26.65 -2.65 15.34
CA ALA B 376 25.36 -1.93 15.10
C ALA B 376 24.26 -3.00 14.84
N TYR B 377 24.50 -3.91 13.94
CA TYR B 377 23.50 -4.95 13.65
C TYR B 377 23.18 -5.87 14.90
N LYS B 378 24.21 -6.17 15.67
CA LYS B 378 24.03 -6.90 16.93
C LYS B 378 23.04 -6.25 17.88
N ALA B 379 22.99 -4.89 17.91
CA ALA B 379 22.13 -4.18 18.80
C ALA B 379 20.70 -4.00 18.32
N PHE B 380 20.35 -4.52 17.14
CA PHE B 380 18.92 -4.38 16.68
C PHE B 380 17.89 -4.93 17.64
N ASP B 381 18.22 -6.05 18.34
CA ASP B 381 17.23 -6.64 19.17
C ASP B 381 16.85 -5.76 20.36
N GLN B 382 17.52 -4.60 20.52
CA GLN B 382 17.19 -3.68 21.62
C GLN B 382 16.28 -2.52 21.13
N ALA B 383 16.05 -2.41 19.84
CA ALA B 383 15.10 -1.37 19.33
C ALA B 383 13.68 -1.80 19.58
N GLU B 384 12.79 -0.82 19.83
CA GLU B 384 11.38 -1.15 19.99
C GLU B 384 10.79 -1.61 18.66
N SER B 385 11.21 -0.99 17.55
CA SER B 385 10.67 -1.40 16.26
C SER B 385 11.64 -1.14 15.08
N ILE B 386 11.43 -1.90 13.99
CA ILE B 386 12.38 -1.94 12.90
C ILE B 386 11.57 -1.94 11.60
N THR B 387 11.94 -1.04 10.69
CA THR B 387 11.41 -1.13 9.32
C THR B 387 12.32 -1.92 8.44
N ILE B 388 11.77 -2.79 7.59
CA ILE B 388 12.59 -3.63 6.68
C ILE B 388 11.79 -3.81 5.40
N ASP B 389 12.41 -3.74 4.21
CA ASP B 389 11.61 -3.78 2.96
C ASP B 389 11.99 -4.99 2.13
N PRO B 390 11.15 -6.01 2.08
CA PRO B 390 11.42 -7.11 1.13
C PRO B 390 11.69 -6.59 -0.29
N HIS B 391 11.02 -5.49 -0.68
CA HIS B 391 11.20 -4.99 -2.06
C HIS B 391 12.44 -4.18 -2.37
N LYS B 392 13.29 -3.99 -1.35
CA LYS B 392 14.62 -3.52 -1.60
C LYS B 392 15.58 -4.71 -1.61
N MET B 393 16.25 -4.98 -0.50
CA MET B 393 17.36 -5.95 -0.50
C MET B 393 16.81 -7.33 -0.12
N GLY B 394 15.51 -7.43 -0.03
CA GLY B 394 14.90 -8.76 -0.03
C GLY B 394 14.64 -9.39 -1.42
N TYR B 395 14.82 -8.63 -2.48
CA TYR B 395 14.57 -9.03 -3.87
C TYR B 395 13.17 -9.54 -4.14
N VAL B 396 12.18 -9.07 -3.39
CA VAL B 396 10.82 -9.45 -3.63
C VAL B 396 10.21 -8.32 -4.52
N PRO B 397 9.32 -8.65 -5.46
CA PRO B 397 8.79 -7.55 -6.34
C PRO B 397 8.02 -6.52 -5.53
N TYR B 398 8.04 -5.24 -5.98
CA TYR B 398 7.13 -4.28 -5.41
C TYR B 398 5.70 -4.73 -5.53
N SER B 399 4.80 -4.42 -4.59
CA SER B 399 5.10 -3.57 -3.41
C SER B 399 5.06 -4.44 -2.15
N ALA B 400 6.12 -4.41 -1.35
CA ALA B 400 6.21 -5.23 -0.11
C ALA B 400 7.20 -4.57 0.88
N GLY B 401 6.67 -3.85 1.87
CA GLY B 401 7.44 -3.29 2.99
C GLY B 401 7.26 -4.20 4.21
N GLY B 402 7.82 -3.83 5.34
CA GLY B 402 7.72 -4.70 6.54
C GLY B 402 7.99 -3.92 7.79
N ILE B 403 7.40 -4.37 8.90
CA ILE B 403 7.65 -3.73 10.18
C ILE B 403 7.82 -4.88 11.20
N VAL B 404 8.77 -4.71 12.12
CA VAL B 404 9.00 -5.76 13.12
C VAL B 404 8.87 -5.00 14.46
N ILE B 405 8.24 -5.59 15.47
CA ILE B 405 8.16 -4.98 16.75
C ILE B 405 8.77 -5.90 17.80
N GLN B 406 9.39 -5.28 18.78
CA GLN B 406 10.16 -6.02 19.76
C GLN B 406 9.31 -6.95 20.65
N ASP B 407 8.11 -6.51 20.96
CA ASP B 407 7.25 -7.18 21.96
C ASP B 407 5.89 -7.22 21.37
N ILE B 408 5.40 -8.43 21.11
CA ILE B 408 4.08 -8.60 20.45
C ILE B 408 2.93 -7.88 21.20
N ARG B 409 3.09 -7.61 22.49
CA ARG B 409 2.06 -6.96 23.26
C ARG B 409 1.89 -5.52 22.79
N MET B 410 2.91 -4.95 22.15
CA MET B 410 2.80 -3.56 21.65
C MET B 410 1.61 -3.40 20.68
N ARG B 411 1.29 -4.43 19.91
CA ARG B 411 0.20 -4.34 18.99
C ARG B 411 -1.13 -3.97 19.62
N ASP B 412 -1.30 -4.23 20.92
CA ASP B 412 -2.55 -3.89 21.55
C ASP B 412 -2.68 -2.36 21.67
N THR B 413 -1.58 -1.64 21.57
CA THR B 413 -1.65 -0.15 21.72
C THR B 413 -2.27 0.57 20.49
N ILE B 414 -2.29 -0.15 19.37
CA ILE B 414 -2.79 0.43 18.09
C ILE B 414 -3.99 -0.32 17.55
N SER B 415 -4.41 -1.40 18.22
CA SER B 415 -5.38 -2.32 17.65
C SER B 415 -6.82 -1.78 17.64
N TYR B 416 -7.60 -2.23 16.67
CA TYR B 416 -9.07 -1.98 16.64
C TYR B 416 -9.88 -3.28 16.54
N PHE B 417 -10.91 -3.47 17.33
CA PHE B 417 -11.82 -4.59 17.03
C PHE B 417 -13.17 -4.28 16.38
N LEU B 431 -7.68 -12.11 12.21
CA LEU B 431 -7.16 -11.15 13.18
C LEU B 431 -6.16 -10.09 12.65
N LEU B 432 -5.34 -10.40 11.65
CA LEU B 432 -4.38 -9.45 11.13
C LEU B 432 -4.88 -8.04 10.96
N GLY B 433 -6.04 -7.87 10.37
CA GLY B 433 -6.60 -6.57 10.12
C GLY B 433 -6.76 -5.65 11.31
N ALA B 434 -6.91 -6.23 12.47
CA ALA B 434 -7.05 -5.45 13.67
C ALA B 434 -5.74 -4.88 14.19
N TYR B 435 -4.63 -5.33 13.65
CA TYR B 435 -3.36 -4.97 14.25
C TYR B 435 -2.44 -4.13 13.32
N ILE B 436 -2.99 -3.56 12.26
CA ILE B 436 -2.12 -2.91 11.29
C ILE B 436 -2.65 -1.52 10.95
N LEU B 437 -1.82 -0.73 10.35
CA LEU B 437 -2.19 0.61 9.97
C LEU B 437 -3.12 0.54 8.78
N GLU B 438 -2.72 -0.25 7.80
CA GLU B 438 -3.46 -0.24 6.54
C GLU B 438 -4.75 -1.07 6.56
N GLY B 439 -5.45 -1.17 5.44
CA GLY B 439 -6.70 -2.00 5.34
C GLY B 439 -6.40 -3.25 4.50
N SER B 440 -7.16 -3.43 3.41
CA SER B 440 -7.04 -4.61 2.50
C SER B 440 -5.65 -4.75 1.93
N LYS B 441 -5.15 -5.97 1.84
CA LYS B 441 -3.81 -6.16 1.31
C LYS B 441 -3.85 -7.53 0.54
N ALA B 442 -3.01 -7.68 -0.49
CA ALA B 442 -3.01 -8.91 -1.34
C ALA B 442 -2.43 -10.08 -0.55
N GLY B 443 -3.19 -11.17 -0.49
CA GLY B 443 -2.61 -12.38 0.02
C GLY B 443 -1.45 -12.78 -0.88
N ALA B 444 -1.50 -12.38 -2.15
CA ALA B 444 -0.37 -12.75 -3.03
C ALA B 444 0.97 -12.17 -2.59
N THR B 445 0.91 -11.00 -1.95
CA THR B 445 2.13 -10.41 -1.42
C THR B 445 2.77 -11.25 -0.34
N ALA B 446 1.92 -11.77 0.55
CA ALA B 446 2.48 -12.68 1.60
C ALA B 446 3.05 -13.96 0.97
N ALA B 447 2.41 -14.51 -0.04
CA ALA B 447 2.93 -15.68 -0.78
C ALA B 447 4.25 -15.42 -1.36
N SER B 448 4.44 -14.21 -1.98
CA SER B 448 5.71 -13.87 -2.59
C SER B 448 6.83 -13.78 -1.55
N VAL B 449 6.59 -13.07 -0.43
CA VAL B 449 7.63 -12.90 0.57
C VAL B 449 7.90 -14.29 1.22
N TRP B 450 6.82 -14.99 1.51
CA TRP B 450 6.97 -16.39 2.10
C TRP B 450 7.86 -17.29 1.20
N ALA B 451 7.58 -17.30 -0.10
CA ALA B 451 8.41 -18.08 -1.02
C ALA B 451 9.85 -17.66 -1.07
N ALA B 452 10.12 -16.34 -1.05
CA ALA B 452 11.50 -15.88 -1.02
C ALA B 452 12.23 -16.37 0.29
N HIS B 453 11.55 -16.21 1.42
CA HIS B 453 12.13 -16.61 2.75
C HIS B 453 12.37 -18.12 2.87
N HIS B 454 11.48 -18.88 2.27
CA HIS B 454 11.71 -20.35 2.38
C HIS B 454 12.68 -20.86 1.35
N THR B 455 12.81 -20.18 0.23
CA THR B 455 13.91 -20.54 -0.70
C THR B 455 15.28 -20.13 -0.13
N LEU B 456 15.33 -18.94 0.45
CA LEU B 456 16.57 -18.38 1.05
C LEU B 456 16.32 -18.02 2.49
N PRO B 457 16.69 -18.91 3.43
CA PRO B 457 16.53 -18.63 4.83
C PRO B 457 17.22 -17.31 5.21
N LEU B 458 16.69 -16.66 6.24
CA LEU B 458 17.23 -15.40 6.74
C LEU B 458 18.45 -15.62 7.67
N ASN B 459 19.46 -16.30 7.15
CA ASN B 459 20.70 -16.46 7.83
C ASN B 459 21.75 -16.75 6.74
N VAL B 460 22.97 -17.10 7.13
CA VAL B 460 24.05 -17.29 6.21
C VAL B 460 23.80 -18.33 5.16
N THR B 461 22.88 -19.29 5.37
CA THR B 461 22.66 -20.31 4.39
C THR B 461 21.80 -19.79 3.23
N GLY B 462 21.11 -18.64 3.41
CA GLY B 462 20.24 -18.18 2.31
C GLY B 462 20.58 -16.73 1.97
N TYR B 463 19.85 -15.84 2.57
CA TYR B 463 20.13 -14.41 2.29
C TYR B 463 21.52 -13.93 2.57
N GLY B 464 22.15 -14.47 3.59
CA GLY B 464 23.59 -14.18 3.80
C GLY B 464 24.42 -14.24 2.50
N LYS B 465 24.15 -15.22 1.64
CA LYS B 465 24.92 -15.40 0.43
C LYS B 465 24.61 -14.32 -0.57
N LEU B 466 23.34 -13.92 -0.62
CA LEU B 466 22.90 -12.97 -1.56
C LEU B 466 23.38 -11.56 -1.14
N GLU B 467 23.24 -11.22 0.15
CA GLU B 467 23.74 -9.95 0.67
C GLU B 467 25.28 -9.95 0.60
N GLY B 468 25.90 -11.08 0.91
CA GLY B 468 27.38 -11.15 0.75
C GLY B 468 27.88 -10.89 -0.69
N ALA B 469 27.22 -11.48 -1.71
CA ALA B 469 27.67 -11.30 -3.07
C ALA B 469 27.63 -9.79 -3.44
N SER B 470 26.58 -9.14 -3.02
CA SER B 470 26.42 -7.72 -3.26
C SER B 470 27.55 -6.89 -2.56
N ILE B 471 27.85 -7.20 -1.32
CA ILE B 471 28.86 -6.48 -0.58
C ILE B 471 30.23 -6.71 -1.21
N GLU B 472 30.45 -7.92 -1.72
CA GLU B 472 31.80 -8.21 -2.25
C GLU B 472 31.95 -7.48 -3.62
N GLY B 473 30.86 -7.39 -4.40
CA GLY B 473 30.93 -6.67 -5.67
C GLY B 473 31.13 -5.17 -5.39
N ALA B 474 30.49 -4.62 -4.35
CA ALA B 474 30.74 -3.23 -3.95
C ALA B 474 32.17 -3.05 -3.54
N HIS B 475 32.73 -4.02 -2.80
CA HIS B 475 34.17 -3.88 -2.44
C HIS B 475 35.13 -3.96 -3.61
N ARG B 476 34.79 -4.75 -4.64
CA ARG B 476 35.73 -4.89 -5.77
C ARG B 476 35.69 -3.51 -6.48
N TYR B 477 34.50 -2.94 -6.52
CA TYR B 477 34.30 -1.73 -7.33
C TYR B 477 35.03 -0.57 -6.62
N TYR B 478 34.75 -0.41 -5.32
CA TYR B 478 35.46 0.52 -4.47
C TYR B 478 37.02 0.38 -4.64
N ASP B 479 37.54 -0.85 -4.56
CA ASP B 479 39.01 -1.07 -4.75
C ASP B 479 39.49 -0.64 -6.11
N PHE B 480 38.64 -0.79 -7.13
CA PHE B 480 39.05 -0.49 -8.48
C PHE B 480 39.07 1.03 -8.66
N LEU B 481 38.13 1.74 -8.00
CA LEU B 481 37.96 3.19 -8.22
C LEU B 481 39.07 4.01 -7.49
N LYS B 482 39.59 3.45 -6.42
CA LYS B 482 40.59 4.23 -5.66
C LYS B 482 41.93 4.35 -6.33
N ASN B 483 42.16 3.62 -7.39
CA ASN B 483 43.38 3.86 -8.05
C ASN B 483 43.25 4.35 -9.50
N LEU B 484 42.31 5.23 -9.83
CA LEU B 484 42.08 5.54 -11.24
C LEU B 484 42.54 6.96 -11.56
N LYS B 485 43.34 7.13 -12.60
CA LYS B 485 43.76 8.50 -13.09
C LYS B 485 43.62 8.53 -14.59
N PHE B 486 43.28 9.69 -15.16
CA PHE B 486 42.98 9.82 -16.58
C PHE B 486 43.65 11.08 -17.14
N GLU B 487 44.14 10.95 -18.34
CA GLU B 487 44.76 12.04 -19.02
C GLU B 487 43.84 12.37 -20.17
N VAL B 488 43.26 13.55 -20.14
CA VAL B 488 42.24 13.94 -21.12
C VAL B 488 42.43 15.39 -21.52
N ALA B 489 42.51 15.66 -22.82
CA ALA B 489 42.59 17.04 -23.33
C ALA B 489 43.59 17.90 -22.55
N GLY B 490 44.81 17.38 -22.38
CA GLY B 490 45.87 18.04 -21.64
C GLY B 490 45.73 18.04 -20.12
N LYS B 491 44.57 17.61 -19.59
CA LYS B 491 44.32 17.70 -18.16
C LYS B 491 44.52 16.33 -17.48
N ARG B 492 44.70 16.34 -16.17
CA ARG B 492 44.85 15.08 -15.42
C ARG B 492 43.63 15.04 -14.53
N ILE B 493 42.89 13.92 -14.54
CA ILE B 493 41.66 13.78 -13.73
C ILE B 493 41.89 12.58 -12.84
N SER B 494 41.46 12.68 -11.59
CA SER B 494 41.52 11.51 -10.64
C SER B 494 40.13 11.17 -10.18
N VAL B 495 39.91 9.89 -9.83
CA VAL B 495 38.74 9.46 -9.08
C VAL B 495 39.06 9.51 -7.57
N HIS B 496 38.12 10.03 -6.78
CA HIS B 496 38.26 10.15 -5.35
C HIS B 496 37.02 9.48 -4.71
N PRO B 497 37.15 8.21 -4.25
CA PRO B 497 36.03 7.61 -3.56
C PRO B 497 35.71 8.40 -2.32
N LEU B 498 34.43 8.50 -2.02
CA LEU B 498 33.98 9.19 -0.81
C LEU B 498 34.46 8.54 0.50
N ILE B 499 34.08 7.27 0.74
CA ILE B 499 34.44 6.58 2.03
C ILE B 499 34.39 5.12 1.69
N SER B 500 35.03 4.27 2.47
CA SER B 500 34.85 2.82 2.28
C SER B 500 33.41 2.43 2.67
N PRO B 501 32.74 1.59 1.90
CA PRO B 501 31.28 1.44 2.01
C PRO B 501 30.98 0.67 3.37
N ASP B 502 30.01 1.12 4.18
CA ASP B 502 29.49 0.30 5.25
C ASP B 502 28.77 -0.94 4.76
N PHE B 503 28.16 -0.82 3.56
CA PHE B 503 27.27 -1.88 3.09
C PHE B 503 27.55 -2.06 1.57
N ASN B 504 26.66 -1.71 0.68
CA ASN B 504 26.91 -2.02 -0.72
C ASN B 504 26.78 -0.80 -1.61
N MET B 505 26.78 0.37 -1.00
CA MET B 505 26.75 1.66 -1.78
C MET B 505 28.12 2.24 -1.84
N VAL B 506 28.56 2.61 -3.05
CA VAL B 506 29.87 3.17 -3.26
C VAL B 506 29.72 4.53 -4.02
N ASP B 507 30.34 5.57 -3.47
CA ASP B 507 30.24 6.93 -4.02
C ASP B 507 31.59 7.48 -4.39
N TYR B 508 31.65 8.40 -5.40
CA TYR B 508 32.94 8.98 -5.63
C TYR B 508 32.76 10.34 -6.36
N VAL B 509 33.86 11.02 -6.49
CA VAL B 509 33.90 12.27 -7.39
C VAL B 509 35.05 12.18 -8.36
N LEU B 510 34.85 12.72 -9.56
CA LEU B 510 35.96 13.00 -10.47
C LEU B 510 36.45 14.43 -10.25
N LYS B 511 37.74 14.64 -10.37
CA LYS B 511 38.30 15.98 -10.09
C LYS B 511 39.53 16.17 -10.92
N GLU B 512 39.58 17.35 -11.57
CA GLU B 512 40.83 17.79 -12.17
C GLU B 512 41.98 18.06 -11.14
N ASP B 513 43.14 17.46 -11.34
CA ASP B 513 44.23 17.55 -10.37
C ASP B 513 44.67 18.97 -10.19
N GLY B 514 44.78 19.40 -8.94
CA GLY B 514 45.29 20.77 -8.67
C GLY B 514 44.28 21.88 -8.84
N ASN B 515 43.09 21.55 -9.36
CA ASN B 515 42.02 22.55 -9.54
C ASN B 515 41.14 22.67 -8.29
N ASP B 516 41.24 23.79 -7.58
CA ASP B 516 40.50 24.02 -6.31
C ASP B 516 39.16 24.79 -6.45
N ASP B 517 38.59 24.80 -7.64
CA ASP B 517 37.27 25.39 -7.87
C ASP B 517 36.16 24.29 -7.70
N LEU B 518 35.39 24.36 -6.64
CA LEU B 518 34.39 23.31 -6.32
C LEU B 518 33.22 23.41 -7.31
N ILE B 519 32.88 24.61 -7.73
CA ILE B 519 31.83 24.74 -8.71
C ILE B 519 32.19 24.06 -10.02
N GLU B 520 33.47 24.10 -10.43
CA GLU B 520 33.92 23.43 -11.64
C GLU B 520 33.87 21.91 -11.39
N MET B 521 34.32 21.49 -10.22
CA MET B 521 34.27 20.02 -9.94
C MET B 521 32.79 19.50 -10.02
N ASN B 522 31.89 20.21 -9.36
CA ASN B 522 30.45 19.95 -9.54
C ASN B 522 29.96 19.90 -10.98
N ARG B 523 30.32 20.88 -11.79
CA ARG B 523 29.97 20.81 -13.18
C ARG B 523 30.56 19.60 -13.94
N LEU B 524 31.80 19.21 -13.62
CA LEU B 524 32.48 18.06 -14.22
C LEU B 524 31.68 16.72 -13.92
N ASN B 525 31.36 16.50 -12.64
CA ASN B 525 30.60 15.29 -12.25
C ASN B 525 29.20 15.25 -12.83
N HIS B 526 28.56 16.43 -12.94
CA HIS B 526 27.26 16.47 -13.56
C HIS B 526 27.37 16.11 -15.05
N ALA B 527 28.32 16.73 -15.76
CA ALA B 527 28.48 16.46 -17.19
C ALA B 527 28.86 15.01 -17.45
N PHE B 528 29.71 14.51 -16.60
CA PHE B 528 30.09 13.07 -16.68
C PHE B 528 28.86 12.18 -16.51
N TYR B 529 28.02 12.51 -15.54
CA TYR B 529 26.79 11.72 -15.35
C TYR B 529 25.91 11.76 -16.60
N GLU B 530 25.77 12.94 -17.22
CA GLU B 530 24.97 12.98 -18.42
C GLU B 530 25.55 12.11 -19.53
N GLN B 531 26.87 11.94 -19.63
CA GLN B 531 27.45 11.08 -20.64
C GLN B 531 27.26 9.61 -20.24
N ALA B 532 27.21 9.33 -18.96
CA ALA B 532 27.14 7.90 -18.46
C ALA B 532 25.76 7.51 -17.95
N SER B 533 24.70 7.89 -18.68
CA SER B 533 23.32 7.62 -18.23
C SER B 533 22.46 7.50 -19.47
N TYR B 534 21.33 6.79 -19.34
CA TYR B 534 20.45 6.63 -20.51
C TYR B 534 19.38 7.68 -20.51
N VAL B 535 18.79 7.93 -21.67
CA VAL B 535 17.62 8.83 -21.77
C VAL B 535 16.49 8.02 -22.31
N LYS B 536 15.30 8.57 -22.23
CA LYS B 536 14.11 7.77 -22.55
C LYS B 536 14.25 7.49 -24.03
N GLY B 537 14.07 6.25 -24.45
CA GLY B 537 14.28 5.91 -25.90
C GLY B 537 15.70 5.43 -26.27
N SER B 538 16.65 5.43 -25.32
CA SER B 538 18.01 4.95 -25.66
C SER B 538 18.01 3.51 -26.20
N LEU B 539 18.83 3.26 -27.24
CA LEU B 539 18.95 1.93 -27.83
C LEU B 539 20.42 1.51 -28.00
N TYR B 540 21.34 2.49 -28.03
CA TYR B 540 22.75 2.17 -28.03
C TYR B 540 23.21 1.84 -26.60
N GLY B 541 23.73 0.64 -26.43
CA GLY B 541 24.08 0.18 -25.10
C GLY B 541 25.27 1.01 -24.66
N LYS B 542 25.33 1.39 -23.40
CA LYS B 542 26.51 2.01 -22.86
C LYS B 542 27.36 1.00 -22.04
N GLU B 543 28.68 1.23 -22.03
CA GLU B 543 29.61 0.38 -21.31
C GLU B 543 29.70 0.71 -19.82
N TYR B 544 29.16 1.86 -19.46
CA TYR B 544 29.24 2.30 -18.10
C TYR B 544 28.11 3.25 -17.78
N ILE B 545 27.31 2.89 -16.82
CA ILE B 545 26.17 3.68 -16.39
C ILE B 545 26.34 4.01 -14.92
N VAL B 546 26.15 5.27 -14.56
CA VAL B 546 26.17 5.67 -13.15
C VAL B 546 24.92 6.44 -12.74
N SER B 547 24.78 6.64 -11.44
CA SER B 547 23.79 7.59 -10.87
C SER B 547 24.47 8.80 -10.28
N HIS B 548 23.67 9.76 -9.86
CA HIS B 548 24.28 10.91 -9.19
C HIS B 548 23.39 11.48 -8.15
N THR B 549 23.90 12.33 -7.25
CA THR B 549 23.09 13.02 -6.28
C THR B 549 23.93 14.18 -5.75
N ASP B 550 23.30 15.18 -5.14
CA ASP B 550 24.03 16.28 -4.51
C ASP B 550 24.04 16.15 -2.98
N PHE B 551 25.17 16.31 -2.32
CA PHE B 551 25.19 16.45 -0.90
C PHE B 551 25.18 18.00 -0.70
N ALA B 552 24.00 18.54 -0.33
CA ALA B 552 23.85 20.01 -0.14
C ALA B 552 23.79 20.38 1.39
N ILE B 553 24.34 21.54 1.79
CA ILE B 553 24.40 21.96 3.20
C ILE B 553 23.06 21.81 3.97
N PRO B 554 21.90 22.19 3.36
CA PRO B 554 20.64 22.05 4.07
C PRO B 554 20.37 20.63 4.64
N ASP B 555 20.70 19.55 3.92
CA ASP B 555 20.46 18.17 4.45
C ASP B 555 21.72 17.58 5.06
N TYR B 556 22.91 17.99 4.58
CA TYR B 556 24.13 17.39 5.10
C TYR B 556 24.91 18.18 6.17
N GLY B 557 24.64 19.48 6.27
CA GLY B 557 25.39 20.38 7.15
C GLY B 557 26.85 20.40 6.69
N ASP B 558 27.77 20.17 7.63
CA ASP B 558 29.21 20.18 7.36
C ASP B 558 29.78 18.77 7.35
N SER B 559 28.88 17.77 7.20
CA SER B 559 29.41 16.41 7.22
C SER B 559 30.36 16.20 5.99
N PRO B 560 30.08 16.84 4.80
CA PRO B 560 31.05 16.57 3.72
C PRO B 560 32.31 17.45 3.75
N LEU B 561 32.47 18.29 4.81
CA LEU B 561 33.55 19.28 4.80
C LEU B 561 34.87 18.62 4.90
N ALA B 562 35.02 17.63 5.77
CA ALA B 562 36.35 17.03 5.87
C ALA B 562 36.71 16.46 4.48
N PHE B 563 35.73 15.93 3.78
CA PHE B 563 36.05 15.28 2.50
C PHE B 563 36.47 16.35 1.48
N VAL B 564 35.64 17.33 1.33
CA VAL B 564 36.02 18.37 0.36
C VAL B 564 37.31 19.12 0.70
N GLU B 565 37.58 19.34 2.00
CA GLU B 565 38.90 19.85 2.42
C GLU B 565 40.01 18.91 2.15
N SER B 566 39.79 17.57 2.31
CA SER B 566 40.85 16.65 2.01
C SER B 566 41.23 16.76 0.54
N LEU B 567 40.32 17.20 -0.30
CA LEU B 567 40.63 17.31 -1.72
C LEU B 567 41.32 18.65 -2.05
N GLY B 568 41.36 19.56 -1.08
CA GLY B 568 42.03 20.87 -1.25
C GLY B 568 41.08 22.02 -1.44
N PHE B 569 39.76 21.79 -1.35
CA PHE B 569 38.80 22.90 -1.36
C PHE B 569 38.76 23.55 0.02
N SER B 570 38.54 24.85 0.04
CA SER B 570 38.50 25.57 1.34
C SER B 570 37.08 25.60 1.86
N GLU B 571 37.00 25.77 3.18
CA GLU B 571 35.75 25.99 3.83
C GLU B 571 34.98 27.10 3.17
N VAL B 572 35.69 28.17 2.82
CA VAL B 572 35.05 29.25 2.07
C VAL B 572 34.42 28.79 0.75
N GLU B 573 35.18 28.04 -0.05
CA GLU B 573 34.69 27.40 -1.28
C GLU B 573 33.44 26.49 -1.02
N TRP B 574 33.42 25.74 0.06
CA TRP B 574 32.25 24.93 0.38
C TRP B 574 30.96 25.75 0.51
N ARG B 575 31.01 26.81 1.30
CA ARG B 575 29.85 27.65 1.53
C ARG B 575 29.37 28.42 0.31
N HIS B 576 30.26 28.67 -0.60
CA HIS B 576 29.96 29.34 -1.81
C HIS B 576 29.30 28.35 -2.74
N ALA B 577 29.85 27.15 -2.85
CA ALA B 577 29.16 26.26 -3.77
C ALA B 577 27.85 25.75 -3.11
N GLY B 578 27.92 25.47 -1.81
CA GLY B 578 26.79 24.98 -1.00
C GLY B 578 26.41 23.50 -1.16
N LYS B 579 27.18 22.75 -1.93
CA LYS B 579 26.91 21.34 -2.23
C LYS B 579 28.08 20.73 -2.95
N VAL B 580 28.15 19.39 -2.90
CA VAL B 580 29.13 18.65 -3.73
C VAL B 580 28.33 17.56 -4.50
N THR B 581 28.57 17.46 -5.79
CA THR B 581 27.89 16.49 -6.64
C THR B 581 28.66 15.19 -6.60
N ILE B 582 27.91 14.12 -6.35
CA ILE B 582 28.52 12.81 -6.03
C ILE B 582 28.02 11.76 -7.08
N ILE B 583 28.92 10.88 -7.56
CA ILE B 583 28.55 9.84 -8.50
C ILE B 583 28.22 8.62 -7.56
N ARG B 584 27.05 8.01 -7.74
CA ARG B 584 26.48 7.05 -6.81
C ARG B 584 26.30 5.70 -7.47
N ALA B 585 26.52 4.67 -6.68
CA ALA B 585 26.28 3.30 -7.17
C ALA B 585 25.72 2.53 -5.97
N SER B 586 24.63 1.77 -6.19
CA SER B 586 24.13 0.78 -5.19
C SER B 586 24.29 -0.59 -5.82
N VAL B 587 25.18 -1.38 -5.25
CA VAL B 587 25.58 -2.57 -5.99
C VAL B 587 24.64 -3.67 -5.54
N MET B 588 23.58 -3.94 -6.30
CA MET B 588 22.62 -4.94 -5.88
C MET B 588 22.70 -6.25 -6.71
N THR B 589 23.36 -6.21 -7.85
CA THR B 589 23.62 -7.42 -8.59
C THR B 589 24.50 -8.39 -7.75
N PRO B 590 24.20 -9.69 -7.82
CA PRO B 590 25.02 -10.66 -7.19
C PRO B 590 26.25 -11.12 -8.04
N TYR B 591 26.34 -10.74 -9.32
CA TYR B 591 27.34 -11.38 -10.26
C TYR B 591 28.76 -10.85 -10.17
N MET B 592 28.94 -9.71 -9.50
CA MET B 592 30.22 -9.07 -9.46
C MET B 592 31.03 -9.52 -8.23
N ASN B 593 30.58 -10.56 -7.54
CA ASN B 593 31.35 -10.97 -6.38
C ASN B 593 32.60 -11.74 -6.88
N GLN B 594 32.48 -12.38 -8.03
CA GLN B 594 33.53 -13.31 -8.52
C GLN B 594 34.63 -12.47 -9.17
N ARG B 595 35.88 -12.69 -8.73
CA ARG B 595 37.03 -12.01 -9.33
C ARG B 595 37.06 -12.07 -10.86
N GLU B 596 36.81 -13.26 -11.40
CA GLU B 596 36.82 -13.39 -12.87
C GLU B 596 35.77 -12.57 -13.57
N ASN B 597 34.58 -12.39 -12.98
CA ASN B 597 33.55 -11.59 -13.63
C ASN B 597 33.96 -10.13 -13.57
N PHE B 598 34.41 -9.68 -12.39
CA PHE B 598 34.69 -8.26 -12.22
C PHE B 598 35.88 -7.88 -13.06
N ASP B 599 36.89 -8.75 -13.05
CA ASP B 599 38.10 -8.45 -13.86
C ASP B 599 37.91 -8.29 -15.34
N TYR B 600 36.89 -8.95 -15.89
CA TYR B 600 36.54 -8.80 -17.26
C TYR B 600 36.09 -7.34 -17.53
N PHE B 601 35.28 -6.79 -16.60
CA PHE B 601 34.70 -5.48 -16.85
C PHE B 601 35.57 -4.33 -16.46
N ALA B 602 36.49 -4.54 -15.52
CA ALA B 602 37.33 -3.44 -15.03
C ALA B 602 38.04 -2.64 -16.12
N PRO B 603 38.71 -3.34 -17.09
CA PRO B 603 39.39 -2.59 -18.15
C PRO B 603 38.43 -1.89 -19.07
N ARG B 604 37.26 -2.48 -19.25
CA ARG B 604 36.16 -1.83 -20.06
C ARG B 604 35.57 -0.60 -19.43
N ILE B 605 35.43 -0.67 -18.09
CA ILE B 605 34.90 0.50 -17.34
C ILE B 605 35.92 1.65 -17.51
N LYS B 606 37.21 1.32 -17.35
CA LYS B 606 38.21 2.36 -17.40
C LYS B 606 38.20 3.04 -18.80
N LYS B 607 38.05 2.23 -19.85
CA LYS B 607 37.98 2.76 -21.22
C LYS B 607 36.73 3.57 -21.40
N ALA B 608 35.61 3.12 -20.83
CA ALA B 608 34.40 3.94 -20.91
C ALA B 608 34.54 5.28 -20.17
N ILE B 609 35.20 5.31 -19.00
CA ILE B 609 35.32 6.60 -18.28
C ILE B 609 36.18 7.53 -19.12
N GLN B 610 37.23 6.98 -19.77
CA GLN B 610 38.16 7.81 -20.51
C GLN B 610 37.37 8.44 -21.68
N ALA B 611 36.58 7.61 -22.38
CA ALA B 611 35.80 8.16 -23.56
C ALA B 611 34.75 9.17 -23.10
N ASP B 612 34.13 8.90 -21.93
CA ASP B 612 33.14 9.89 -21.39
C ASP B 612 33.78 11.22 -21.03
N LEU B 613 34.95 11.19 -20.41
CA LEU B 613 35.68 12.46 -20.13
C LEU B 613 36.10 13.18 -21.42
N GLU B 614 36.54 12.42 -22.45
CA GLU B 614 36.86 13.05 -23.74
C GLU B 614 35.68 13.81 -24.27
N LYS B 615 34.50 13.21 -24.18
CA LYS B 615 33.27 13.90 -24.62
C LYS B 615 32.89 15.08 -23.76
N VAL B 616 33.02 14.94 -22.44
CA VAL B 616 32.75 16.13 -21.57
C VAL B 616 33.65 17.33 -21.97
N TYR B 617 34.96 17.09 -22.16
CA TYR B 617 35.91 18.18 -22.45
C TYR B 617 35.92 18.63 -23.89
N ALA B 618 35.32 17.86 -24.80
CA ALA B 618 35.14 18.24 -26.18
C ALA B 618 33.83 19.02 -26.29
N1 PLP C . -15.02 2.28 2.77
C2 PLP C . -16.05 1.51 2.36
C2A PLP C . -17.45 2.10 2.20
C3 PLP C . -15.77 0.07 2.13
O3 PLP C . -16.69 -0.87 1.72
C4 PLP C . -14.38 -0.44 2.27
C4A PLP C . -14.10 -1.91 2.06
C5 PLP C . -13.35 0.53 2.69
C6 PLP C . -13.71 1.88 2.91
C5A PLP C . -11.96 -0.03 2.90
O4P PLP C . -11.33 -0.22 1.63
P PLP C . -10.11 -1.34 1.54
O1P PLP C . -9.03 -0.94 2.55
O2P PLP C . -10.80 -2.67 1.87
O3P PLP C . -9.57 -1.34 0.10
N1 PLP D . 13.89 4.68 4.61
C2 PLP D . 15.01 4.48 3.91
C2A PLP D . 16.38 4.54 4.56
C3 PLP D . 14.91 4.11 2.53
O3 PLP D . 16.03 3.91 1.77
C4 PLP D . 13.61 3.99 1.92
C4A PLP D . 13.62 3.67 0.46
C5 PLP D . 12.46 4.26 2.76
C6 PLP D . 12.64 4.59 4.10
C5A PLP D . 11.03 4.23 2.28
O4P PLP D . 10.72 2.92 1.77
P PLP D . 9.73 2.70 0.47
O1P PLP D . 10.42 3.14 -0.71
O2P PLP D . 8.48 3.43 0.82
O3P PLP D . 9.56 1.17 0.52
#